data_5UHK
#
_entry.id   5UHK
#
_cell.length_a   96.800
_cell.length_b   96.800
_cell.length_c   256.960
_cell.angle_alpha   90.00
_cell.angle_beta   90.00
_cell.angle_gamma   90.00
#
_symmetry.space_group_name_H-M   'P 41 21 2'
#
loop_
_entity.id
_entity.type
_entity.pdbx_description
1 polymer 'O-GlcNAcase TIM-barrel domain'
2 polymer 'O-GlcNAcase stalk domain'
3 non-polymer GLYCEROL
4 water water
#
loop_
_entity_poly.entity_id
_entity_poly.type
_entity_poly.pdbx_seq_one_letter_code
_entity_poly.pdbx_strand_id
1 'polypeptide(L)'
;GARRFLCGVVEGFYGRPWVMEQRKELFRRLQKWELNTYLYAPKDDYKHRMFWREMYSVEEAEQLMTLISAAREYEIEFIY
AISPGLDITFSNPKEVSTLKRKLDQVSQFGCRSFALLFDDIDHNMCAADKEVFSSFAHAQVSITNEIYQYLGEPETFLFC
PTEYCGTFCYPNVSQSPYLRTVGEKLLPGIEVLWTGPKVVSKEIPVESIEEVSKIIKRAPVIWDNIHANDYDQKRLFLGP
YKGRSTELIPRLKGVLTNPNCEFEANYVAIHTLATWYKSNMNGVRKDVVMTDSEDSTVSIQIKLENEGSDEDIETDVLYS
PQMALKLALTEWLQEFGVPHQYSSR
;
A,C
2 'polypeptide(L)'
;MEKPLYTAEPVTLEDLQLLADLFYLPYEHGPKGAQMLREFQWLRANSSVVSVNCKGKDSEKIEEWRSRAAKFEEMCGLVM
GMFTRLSNCANRTILYDMYSYVWDIKSIMSMVKSFVQWLGCRSHSSAQFLIGDQEPWAFRGGLAGEFQRLLPIDGANDLF
FQP
;
B,D
#
loop_
_chem_comp.id
_chem_comp.type
_chem_comp.name
_chem_comp.formula
GOL non-polymer GLYCEROL 'C3 H8 O3'
#
# COMPACT_ATOMS: atom_id res chain seq x y z
N ARG A 3 -17.39 -32.17 -19.78
CA ARG A 3 -16.66 -31.07 -20.41
C ARG A 3 -15.64 -30.38 -19.47
N ARG A 4 -14.52 -29.92 -20.06
CA ARG A 4 -13.44 -29.24 -19.36
C ARG A 4 -13.71 -27.73 -19.24
N PHE A 5 -13.56 -27.17 -18.03
CA PHE A 5 -13.78 -25.75 -17.77
C PHE A 5 -12.66 -25.20 -16.87
N LEU A 6 -12.07 -24.07 -17.29
CA LEU A 6 -10.98 -23.44 -16.56
C LEU A 6 -11.49 -22.47 -15.55
N CYS A 7 -11.40 -22.80 -14.28
CA CYS A 7 -11.88 -21.82 -13.36
C CYS A 7 -10.91 -21.52 -12.29
N GLY A 8 -10.58 -20.24 -12.18
CA GLY A 8 -9.62 -19.80 -11.17
C GLY A 8 -9.21 -18.36 -11.25
N VAL A 9 -7.94 -18.15 -10.96
CA VAL A 9 -7.31 -16.85 -10.86
C VAL A 9 -6.17 -16.67 -11.85
N VAL A 10 -6.08 -15.47 -12.40
CA VAL A 10 -5.02 -15.01 -13.29
C VAL A 10 -4.30 -13.93 -12.51
N GLU A 11 -3.05 -14.16 -12.11
CA GLU A 11 -2.32 -13.09 -11.44
C GLU A 11 -1.73 -12.24 -12.58
N GLY A 12 -2.52 -11.30 -13.13
CA GLY A 12 -2.06 -10.50 -14.26
C GLY A 12 -2.15 -9.00 -14.08
N PHE A 13 -1.75 -8.50 -12.92
CA PHE A 13 -1.88 -7.08 -12.66
C PHE A 13 -0.54 -6.35 -12.60
N TYR A 14 -0.64 -5.01 -12.69
CA TYR A 14 0.48 -4.11 -12.61
C TYR A 14 0.66 -3.85 -11.14
N GLY A 15 1.88 -4.05 -10.67
CA GLY A 15 2.17 -3.83 -9.28
C GLY A 15 3.02 -4.91 -8.64
N ARG A 16 3.20 -4.77 -7.30
CA ARG A 16 4.00 -5.71 -6.54
C ARG A 16 3.33 -7.06 -6.65
N PRO A 17 4.11 -8.02 -7.22
CA PRO A 17 3.57 -9.37 -7.40
C PRO A 17 3.47 -10.15 -6.11
N TRP A 18 2.72 -11.24 -6.17
CA TRP A 18 2.51 -12.13 -5.04
C TRP A 18 3.78 -12.90 -4.83
N VAL A 19 4.12 -13.09 -3.60
CA VAL A 19 5.31 -13.82 -3.20
C VAL A 19 4.92 -15.31 -3.20
N MET A 20 5.89 -16.20 -2.99
CA MET A 20 5.71 -17.65 -2.97
C MET A 20 4.69 -18.19 -1.93
N GLU A 21 4.86 -17.82 -0.63
CA GLU A 21 3.97 -18.28 0.46
C GLU A 21 2.52 -17.95 0.13
N GLN A 22 2.31 -16.78 -0.51
CA GLN A 22 1.00 -16.30 -0.94
C GLN A 22 0.46 -17.15 -2.07
N ARG A 23 1.27 -17.36 -3.12
CA ARG A 23 0.91 -18.18 -4.27
C ARG A 23 0.58 -19.60 -3.87
N LYS A 24 1.36 -20.18 -2.93
CA LYS A 24 1.11 -21.54 -2.44
C LYS A 24 -0.27 -21.56 -1.74
N GLU A 25 -0.56 -20.51 -0.94
CA GLU A 25 -1.82 -20.37 -0.20
C GLU A 25 -3.01 -20.24 -1.14
N LEU A 26 -2.82 -19.55 -2.29
CA LEU A 26 -3.88 -19.37 -3.28
C LEU A 26 -4.31 -20.73 -3.82
N PHE A 27 -3.33 -21.57 -4.20
CA PHE A 27 -3.51 -22.93 -4.71
C PHE A 27 -4.26 -23.78 -3.70
N ARG A 28 -3.91 -23.63 -2.40
CA ARG A 28 -4.60 -24.32 -1.31
C ARG A 28 -6.06 -23.88 -1.27
N ARG A 29 -6.32 -22.55 -1.40
CA ARG A 29 -7.69 -22.03 -1.39
C ARG A 29 -8.48 -22.45 -2.62
N LEU A 30 -7.88 -22.34 -3.81
CA LEU A 30 -8.50 -22.73 -5.07
C LEU A 30 -8.96 -24.19 -4.99
N GLN A 31 -8.14 -25.05 -4.36
CA GLN A 31 -8.44 -26.47 -4.19
C GLN A 31 -9.65 -26.73 -3.32
N LYS A 32 -9.65 -26.17 -2.09
CA LYS A 32 -10.72 -26.29 -1.09
C LYS A 32 -12.06 -25.88 -1.67
N TRP A 33 -12.03 -24.87 -2.55
CA TRP A 33 -13.19 -24.26 -3.19
C TRP A 33 -13.56 -24.91 -4.50
N GLU A 34 -12.75 -25.89 -4.94
CA GLU A 34 -12.96 -26.69 -6.16
C GLU A 34 -12.87 -25.88 -7.46
N LEU A 35 -11.80 -25.11 -7.55
CA LEU A 35 -11.42 -24.34 -8.71
C LEU A 35 -10.18 -25.10 -9.22
N ASN A 36 -9.81 -24.93 -10.50
CA ASN A 36 -8.72 -25.71 -11.09
C ASN A 36 -7.57 -24.98 -11.80
N THR A 37 -7.64 -23.66 -12.02
CA THR A 37 -6.55 -23.02 -12.76
C THR A 37 -5.93 -21.81 -12.12
N TYR A 38 -4.68 -21.52 -12.54
CA TYR A 38 -3.88 -20.37 -12.17
C TYR A 38 -3.04 -19.99 -13.36
N LEU A 39 -3.38 -18.85 -13.98
CA LEU A 39 -2.69 -18.27 -15.11
C LEU A 39 -1.62 -17.30 -14.54
N TYR A 40 -0.35 -17.57 -14.82
CA TYR A 40 0.77 -16.76 -14.36
C TYR A 40 1.11 -15.73 -15.41
N ALA A 41 0.67 -14.47 -15.18
CA ALA A 41 0.90 -13.34 -16.08
C ALA A 41 1.25 -12.05 -15.29
N PRO A 42 2.05 -12.09 -14.17
CA PRO A 42 2.32 -10.85 -13.44
C PRO A 42 3.17 -9.91 -14.27
N LYS A 43 2.72 -8.66 -14.44
CA LYS A 43 3.43 -7.66 -15.24
C LYS A 43 4.90 -7.35 -14.72
N ASP A 44 5.22 -7.53 -13.40
CA ASP A 44 6.59 -7.35 -12.82
C ASP A 44 7.59 -8.38 -13.41
N ASP A 45 7.15 -9.60 -13.75
CA ASP A 45 8.07 -10.57 -14.38
C ASP A 45 8.41 -10.02 -15.78
N TYR A 46 9.57 -9.36 -15.83
CA TYR A 46 10.17 -8.73 -17.00
C TYR A 46 10.43 -9.79 -18.06
N LYS A 47 10.83 -11.00 -17.62
CA LYS A 47 11.13 -12.15 -18.47
C LYS A 47 9.88 -12.78 -19.13
N HIS A 48 8.68 -12.38 -18.69
CA HIS A 48 7.41 -12.87 -19.24
C HIS A 48 6.86 -11.86 -20.27
N ARG A 49 7.15 -10.55 -20.07
CA ARG A 49 6.68 -9.44 -20.89
C ARG A 49 7.81 -8.71 -21.70
N MET A 50 8.27 -7.53 -21.23
CA MET A 50 9.29 -6.65 -21.85
C MET A 50 10.57 -7.35 -22.32
N PHE A 51 11.11 -8.24 -21.48
CA PHE A 51 12.33 -9.00 -21.74
C PHE A 51 12.01 -10.49 -21.93
N TRP A 52 10.95 -10.81 -22.72
CA TRP A 52 10.51 -12.19 -23.00
C TRP A 52 11.65 -13.07 -23.53
N ARG A 53 12.62 -12.44 -24.21
CA ARG A 53 13.79 -13.12 -24.76
C ARG A 53 14.72 -13.71 -23.74
N GLU A 54 15.02 -12.96 -22.66
CA GLU A 54 15.91 -13.34 -21.55
C GLU A 54 15.36 -14.53 -20.81
N MET A 55 16.26 -15.44 -20.40
CA MET A 55 15.98 -16.68 -19.69
C MET A 55 16.06 -16.50 -18.18
N TYR A 56 15.33 -17.34 -17.45
CA TYR A 56 15.32 -17.31 -15.99
C TYR A 56 16.66 -17.74 -15.44
N SER A 57 17.24 -16.96 -14.52
CA SER A 57 18.50 -17.32 -13.89
C SER A 57 18.27 -18.56 -12.99
N VAL A 58 19.34 -19.16 -12.49
CA VAL A 58 19.33 -20.34 -11.61
C VAL A 58 18.34 -20.17 -10.45
N GLU A 59 18.49 -19.05 -9.69
CA GLU A 59 17.70 -18.65 -8.51
C GLU A 59 16.22 -18.56 -8.88
N GLU A 60 15.93 -17.85 -10.01
CA GLU A 60 14.59 -17.65 -10.57
C GLU A 60 14.00 -18.99 -10.95
N ALA A 61 14.74 -19.78 -11.76
CA ALA A 61 14.38 -21.12 -12.24
C ALA A 61 13.96 -22.04 -11.09
N GLU A 62 14.66 -21.93 -9.96
CA GLU A 62 14.34 -22.71 -8.77
C GLU A 62 12.95 -22.30 -8.28
N GLN A 63 12.74 -20.96 -8.08
CA GLN A 63 11.50 -20.34 -7.62
C GLN A 63 10.30 -20.84 -8.41
N LEU A 64 10.41 -20.83 -9.75
CA LEU A 64 9.37 -21.26 -10.66
C LEU A 64 9.08 -22.73 -10.52
N MET A 65 10.12 -23.57 -10.40
CA MET A 65 9.93 -25.01 -10.23
C MET A 65 9.05 -25.31 -9.01
N THR A 66 9.43 -24.76 -7.84
CA THR A 66 8.71 -24.92 -6.56
C THR A 66 7.28 -24.50 -6.68
N LEU A 67 7.04 -23.37 -7.38
CA LEU A 67 5.71 -22.81 -7.65
C LEU A 67 4.90 -23.75 -8.52
N ILE A 68 5.51 -24.24 -9.64
CA ILE A 68 4.87 -25.18 -10.57
C ILE A 68 4.57 -26.50 -9.86
N SER A 69 5.47 -26.96 -8.99
CA SER A 69 5.28 -28.17 -8.20
C SER A 69 4.08 -28.04 -7.24
N ALA A 70 4.06 -26.94 -6.45
CA ALA A 70 3.01 -26.60 -5.49
C ALA A 70 1.68 -26.61 -6.18
N ALA A 71 1.62 -26.08 -7.42
CA ALA A 71 0.43 -26.04 -8.24
C ALA A 71 -0.10 -27.47 -8.51
N ARG A 72 0.80 -28.41 -8.88
CA ARG A 72 0.44 -29.81 -9.13
C ARG A 72 0.04 -30.53 -7.83
N GLU A 73 0.71 -30.16 -6.71
CA GLU A 73 0.51 -30.69 -5.35
C GLU A 73 -0.89 -30.38 -4.81
N TYR A 74 -1.55 -29.35 -5.34
CA TYR A 74 -2.88 -28.94 -4.93
C TYR A 74 -3.90 -29.09 -6.05
N GLU A 75 -3.56 -29.89 -7.08
CA GLU A 75 -4.39 -30.20 -8.25
C GLU A 75 -4.83 -28.93 -8.98
N ILE A 76 -3.92 -27.99 -9.20
CA ILE A 76 -4.23 -26.72 -9.88
C ILE A 76 -3.43 -26.71 -11.19
N GLU A 77 -4.08 -26.40 -12.29
CA GLU A 77 -3.39 -26.31 -13.56
C GLU A 77 -2.66 -24.96 -13.65
N PHE A 78 -1.35 -25.03 -13.83
CA PHE A 78 -0.53 -23.84 -13.95
C PHE A 78 -0.39 -23.57 -15.45
N ILE A 79 -0.75 -22.35 -15.87
CA ILE A 79 -0.66 -21.87 -17.24
C ILE A 79 0.32 -20.70 -17.27
N TYR A 80 1.44 -20.86 -17.96
CA TYR A 80 2.45 -19.80 -18.07
C TYR A 80 2.11 -18.89 -19.25
N ALA A 81 2.11 -17.58 -18.98
CA ALA A 81 1.81 -16.59 -19.99
C ALA A 81 3.07 -15.88 -20.45
N ILE A 82 3.12 -15.57 -21.75
CA ILE A 82 4.24 -14.86 -22.38
C ILE A 82 3.69 -13.79 -23.34
N SER A 83 4.15 -12.54 -23.14
CA SER A 83 3.75 -11.38 -23.92
C SER A 83 4.94 -10.90 -24.75
N PRO A 84 5.05 -11.34 -26.03
CA PRO A 84 6.20 -10.94 -26.85
C PRO A 84 5.93 -9.77 -27.81
N GLY A 85 4.65 -9.44 -28.00
CA GLY A 85 4.14 -8.41 -28.90
C GLY A 85 4.73 -7.02 -28.88
N LEU A 86 5.59 -6.73 -27.88
CA LEU A 86 6.22 -5.42 -27.76
C LEU A 86 7.29 -5.18 -28.81
N ASP A 87 8.38 -5.96 -28.80
CA ASP A 87 9.47 -5.80 -29.77
C ASP A 87 9.72 -7.03 -30.66
N ILE A 88 8.72 -7.89 -30.83
CA ILE A 88 8.90 -9.06 -31.69
C ILE A 88 8.81 -8.74 -33.21
N THR A 89 9.62 -9.47 -34.00
CA THR A 89 9.71 -9.46 -35.47
C THR A 89 9.23 -10.89 -35.83
N PHE A 90 7.93 -11.02 -36.10
CA PHE A 90 7.23 -12.27 -36.40
C PHE A 90 7.84 -13.09 -37.54
N SER A 91 8.26 -12.40 -38.63
CA SER A 91 8.89 -13.01 -39.80
C SER A 91 10.32 -13.54 -39.54
N ASN A 92 11.08 -12.88 -38.64
CA ASN A 92 12.44 -13.31 -38.32
C ASN A 92 12.39 -14.61 -37.51
N PRO A 93 12.95 -15.71 -38.06
CA PRO A 93 12.93 -16.98 -37.33
C PRO A 93 13.84 -17.04 -36.10
N LYS A 94 14.83 -16.12 -35.99
CA LYS A 94 15.73 -16.09 -34.82
C LYS A 94 14.86 -15.74 -33.60
N GLU A 95 13.83 -14.87 -33.83
CA GLU A 95 12.82 -14.43 -32.85
C GLU A 95 11.96 -15.64 -32.44
N VAL A 96 11.42 -16.40 -33.42
CA VAL A 96 10.59 -17.61 -33.23
C VAL A 96 11.38 -18.72 -32.49
N SER A 97 12.69 -18.77 -32.70
CA SER A 97 13.56 -19.74 -32.05
C SER A 97 13.76 -19.35 -30.58
N THR A 98 13.87 -18.02 -30.32
CA THR A 98 14.04 -17.47 -28.98
C THR A 98 12.80 -17.78 -28.11
N LEU A 99 11.59 -17.66 -28.72
CA LEU A 99 10.32 -17.94 -28.06
C LEU A 99 10.21 -19.43 -27.72
N LYS A 100 10.62 -20.30 -28.66
CA LYS A 100 10.63 -21.75 -28.49
C LYS A 100 11.59 -22.08 -27.35
N ARG A 101 12.80 -21.51 -27.40
CA ARG A 101 13.85 -21.65 -26.41
C ARG A 101 13.35 -21.24 -25.01
N LYS A 102 12.60 -20.11 -24.94
CA LYS A 102 12.05 -19.55 -23.69
C LYS A 102 10.97 -20.43 -23.11
N LEU A 103 10.04 -20.89 -23.94
CA LEU A 103 8.94 -21.74 -23.50
C LEU A 103 9.42 -23.13 -23.10
N ASP A 104 10.55 -23.58 -23.67
CA ASP A 104 11.14 -24.88 -23.34
C ASP A 104 11.61 -24.91 -21.91
N GLN A 105 12.45 -23.95 -21.52
CA GLN A 105 13.00 -23.78 -20.18
C GLN A 105 11.85 -23.89 -19.13
N VAL A 106 10.68 -23.34 -19.50
CA VAL A 106 9.48 -23.30 -18.67
C VAL A 106 8.88 -24.71 -18.52
N SER A 107 8.90 -25.56 -19.59
CA SER A 107 8.40 -26.95 -19.56
C SER A 107 9.23 -27.77 -18.60
N GLN A 108 10.55 -27.58 -18.62
CA GLN A 108 11.49 -28.26 -17.75
C GLN A 108 11.27 -27.95 -16.26
N PHE A 109 10.42 -26.94 -15.95
CA PHE A 109 10.08 -26.58 -14.57
C PHE A 109 8.85 -27.36 -14.10
N GLY A 110 8.10 -27.87 -15.08
CA GLY A 110 6.92 -28.68 -14.88
C GLY A 110 5.67 -28.21 -15.61
N CYS A 111 5.79 -27.08 -16.30
CA CYS A 111 4.66 -26.48 -17.00
C CYS A 111 4.28 -27.22 -18.28
N ARG A 112 2.96 -27.46 -18.46
CA ARG A 112 2.36 -28.14 -19.61
C ARG A 112 1.28 -27.26 -20.24
N SER A 113 0.98 -26.13 -19.59
CA SER A 113 -0.05 -25.23 -20.10
C SER A 113 0.54 -23.86 -20.48
N PHE A 114 0.09 -23.25 -21.58
CA PHE A 114 0.68 -21.99 -22.01
C PHE A 114 -0.31 -20.93 -22.51
N ALA A 115 0.13 -19.65 -22.49
CA ALA A 115 -0.64 -18.49 -22.96
C ALA A 115 0.24 -17.48 -23.69
N LEU A 116 -0.21 -17.04 -24.87
CA LEU A 116 0.48 -16.05 -25.68
C LEU A 116 -0.40 -14.83 -25.73
N LEU A 117 0.04 -13.74 -25.10
CA LEU A 117 -0.78 -12.53 -25.02
C LEU A 117 -0.35 -11.44 -25.97
N PHE A 118 -1.35 -10.80 -26.59
CA PHE A 118 -1.13 -9.70 -27.53
C PHE A 118 -1.95 -8.49 -27.12
N ASP A 119 -2.17 -8.36 -25.80
CA ASP A 119 -2.91 -7.26 -25.18
C ASP A 119 -2.03 -6.01 -25.08
N ASP A 120 -2.64 -4.82 -25.03
CA ASP A 120 -1.97 -3.50 -24.86
C ASP A 120 -0.59 -3.37 -25.59
N ILE A 121 -0.60 -3.58 -26.94
CA ILE A 121 0.59 -3.49 -27.81
C ILE A 121 0.33 -2.68 -29.08
N ASP A 122 1.43 -2.28 -29.74
CA ASP A 122 1.45 -1.49 -30.99
C ASP A 122 0.87 -2.33 -32.13
N HIS A 123 -0.18 -1.79 -32.81
CA HIS A 123 -0.82 -2.48 -33.94
C HIS A 123 0.03 -2.38 -35.25
N ASN A 124 0.73 -1.22 -35.44
CA ASN A 124 1.57 -0.94 -36.61
C ASN A 124 2.88 -1.74 -36.62
N MET A 125 2.97 -2.69 -37.58
CA MET A 125 4.11 -3.61 -37.78
C MET A 125 5.34 -2.94 -38.34
N CYS A 126 6.46 -3.69 -38.41
CA CYS A 126 7.72 -3.23 -38.97
C CYS A 126 7.71 -3.60 -40.47
N ALA A 127 8.67 -3.08 -41.25
CA ALA A 127 8.76 -3.37 -42.70
C ALA A 127 8.78 -4.88 -42.98
N ALA A 128 9.71 -5.62 -42.32
CA ALA A 128 9.87 -7.08 -42.47
C ALA A 128 8.53 -7.82 -42.38
N ASP A 129 7.76 -7.51 -41.33
CA ASP A 129 6.44 -8.08 -41.05
C ASP A 129 5.34 -7.59 -42.01
N LYS A 130 5.45 -6.33 -42.52
CA LYS A 130 4.45 -5.76 -43.44
C LYS A 130 4.46 -6.46 -44.82
N GLU A 131 5.63 -7.02 -45.19
CA GLU A 131 5.89 -7.75 -46.45
C GLU A 131 5.33 -9.15 -46.35
N VAL A 132 5.78 -9.90 -45.32
CA VAL A 132 5.43 -11.28 -45.02
C VAL A 132 3.96 -11.46 -44.58
N PHE A 133 3.42 -10.52 -43.76
CA PHE A 133 2.05 -10.65 -43.25
C PHE A 133 1.10 -9.56 -43.76
N SER A 134 -0.04 -10.00 -44.34
CA SER A 134 -1.07 -9.13 -44.91
C SER A 134 -1.79 -8.24 -43.87
N SER A 135 -1.68 -8.58 -42.55
CA SER A 135 -2.27 -7.87 -41.40
C SER A 135 -1.62 -8.33 -40.10
N PHE A 136 -1.73 -7.50 -39.02
CA PHE A 136 -1.20 -7.79 -37.69
C PHE A 136 -1.82 -9.09 -37.15
N ALA A 137 -3.14 -9.26 -37.38
CA ALA A 137 -3.93 -10.43 -37.01
C ALA A 137 -3.30 -11.70 -37.57
N HIS A 138 -2.82 -11.65 -38.83
CA HIS A 138 -2.16 -12.79 -39.50
C HIS A 138 -0.81 -13.13 -38.84
N ALA A 139 -0.03 -12.08 -38.48
CA ALA A 139 1.29 -12.23 -37.85
C ALA A 139 1.25 -13.00 -36.55
N GLN A 140 0.28 -12.64 -35.65
CA GLN A 140 0.11 -13.27 -34.34
C GLN A 140 -0.34 -14.71 -34.50
N VAL A 141 -1.45 -14.94 -35.24
CA VAL A 141 -1.99 -16.29 -35.48
C VAL A 141 -0.90 -17.26 -35.99
N SER A 142 -0.01 -16.77 -36.88
CA SER A 142 1.11 -17.51 -37.45
C SER A 142 1.98 -18.13 -36.33
N ILE A 143 2.62 -17.26 -35.53
CA ILE A 143 3.51 -17.60 -34.43
C ILE A 143 2.80 -18.38 -33.30
N THR A 144 1.51 -18.07 -33.01
CA THR A 144 0.74 -18.77 -31.98
C THR A 144 0.55 -20.23 -32.42
N ASN A 145 0.01 -20.44 -33.66
CA ASN A 145 -0.22 -21.76 -34.28
C ASN A 145 1.08 -22.57 -34.32
N GLU A 146 2.17 -21.89 -34.73
CA GLU A 146 3.51 -22.44 -34.84
C GLU A 146 4.00 -23.00 -33.51
N ILE A 147 3.89 -22.17 -32.45
CA ILE A 147 4.30 -22.50 -31.08
C ILE A 147 3.40 -23.60 -30.50
N TYR A 148 2.10 -23.58 -30.86
CA TYR A 148 1.15 -24.60 -30.42
C TYR A 148 1.56 -26.00 -30.95
N GLN A 149 1.99 -26.08 -32.22
CA GLN A 149 2.45 -27.34 -32.82
C GLN A 149 3.84 -27.73 -32.35
N TYR A 150 4.74 -26.75 -32.11
CA TYR A 150 6.10 -27.03 -31.63
C TYR A 150 6.06 -27.76 -30.29
N LEU A 151 5.25 -27.24 -29.35
CA LEU A 151 5.13 -27.77 -28.00
C LEU A 151 4.45 -29.13 -27.91
N GLY A 152 3.80 -29.56 -29.00
CA GLY A 152 3.10 -30.83 -29.09
C GLY A 152 1.64 -30.71 -28.75
N GLU A 153 0.93 -29.88 -29.54
CA GLU A 153 -0.50 -29.56 -29.44
C GLU A 153 -1.02 -29.73 -27.98
N PRO A 154 -0.50 -28.93 -26.97
CA PRO A 154 -0.98 -29.11 -25.59
C PRO A 154 -2.47 -28.84 -25.40
N GLU A 155 -3.09 -29.51 -24.41
CA GLU A 155 -4.52 -29.40 -24.08
C GLU A 155 -4.89 -27.95 -23.77
N THR A 156 -4.13 -27.34 -22.83
CA THR A 156 -4.30 -25.97 -22.36
C THR A 156 -3.36 -24.97 -23.02
N PHE A 157 -3.83 -24.37 -24.11
CA PHE A 157 -3.10 -23.33 -24.82
C PHE A 157 -4.08 -22.21 -25.05
N LEU A 158 -3.77 -21.02 -24.47
CA LEU A 158 -4.60 -19.83 -24.51
C LEU A 158 -3.94 -18.73 -25.31
N PHE A 159 -4.76 -17.87 -25.90
CA PHE A 159 -4.31 -16.75 -26.71
C PHE A 159 -5.11 -15.52 -26.36
N CYS A 160 -4.40 -14.41 -26.08
CA CYS A 160 -5.08 -13.15 -25.80
C CYS A 160 -4.93 -12.23 -26.99
N PRO A 161 -6.05 -11.88 -27.64
CA PRO A 161 -5.98 -10.96 -28.78
C PRO A 161 -5.81 -9.50 -28.37
N THR A 162 -5.45 -8.64 -29.35
CA THR A 162 -5.29 -7.20 -29.18
C THR A 162 -6.69 -6.62 -28.95
N GLU A 163 -7.70 -7.18 -29.63
CA GLU A 163 -9.09 -6.75 -29.47
C GLU A 163 -9.71 -7.80 -28.56
N TYR A 164 -9.48 -7.62 -27.23
CA TYR A 164 -9.89 -8.53 -26.17
C TYR A 164 -11.16 -8.14 -25.43
N CYS A 165 -11.74 -6.98 -25.74
CA CYS A 165 -12.99 -6.52 -25.15
C CYS A 165 -13.82 -5.88 -26.23
N GLY A 166 -15.12 -5.80 -26.01
CA GLY A 166 -16.06 -5.22 -26.96
C GLY A 166 -15.67 -3.85 -27.47
N THR A 167 -15.31 -2.94 -26.55
CA THR A 167 -14.96 -1.57 -26.90
C THR A 167 -13.57 -1.45 -27.59
N PHE A 168 -12.88 -2.58 -27.87
CA PHE A 168 -11.56 -2.54 -28.53
C PHE A 168 -11.60 -2.97 -29.98
N CYS A 169 -12.70 -3.59 -30.39
CA CYS A 169 -12.87 -4.07 -31.75
C CYS A 169 -13.14 -2.96 -32.75
N TYR A 170 -12.54 -3.09 -33.95
CA TYR A 170 -12.72 -2.13 -35.03
C TYR A 170 -13.33 -2.75 -36.28
N PRO A 171 -14.48 -2.27 -36.76
CA PRO A 171 -15.31 -1.16 -36.22
C PRO A 171 -16.23 -1.57 -35.06
N ASN A 172 -16.43 -2.90 -34.90
CA ASN A 172 -17.24 -3.57 -33.89
C ASN A 172 -16.87 -5.06 -33.86
N VAL A 173 -17.40 -5.79 -32.87
CA VAL A 173 -17.16 -7.22 -32.64
C VAL A 173 -17.50 -8.05 -33.90
N SER A 174 -18.77 -7.98 -34.34
CA SER A 174 -19.33 -8.69 -35.48
C SER A 174 -18.65 -8.34 -36.80
N GLN A 175 -18.28 -7.06 -37.00
CA GLN A 175 -17.64 -6.59 -38.24
C GLN A 175 -16.11 -6.46 -38.16
N SER A 176 -15.45 -7.06 -37.15
CA SER A 176 -14.00 -6.92 -37.05
C SER A 176 -13.20 -7.76 -38.05
N PRO A 177 -12.35 -7.09 -38.87
CA PRO A 177 -11.48 -7.84 -39.80
C PRO A 177 -10.38 -8.61 -39.04
N TYR A 178 -9.98 -8.06 -37.85
CA TYR A 178 -8.97 -8.60 -36.95
C TYR A 178 -9.46 -9.93 -36.38
N LEU A 179 -10.63 -9.91 -35.68
CA LEU A 179 -11.25 -11.08 -35.06
C LEU A 179 -11.62 -12.16 -36.07
N ARG A 180 -12.03 -11.71 -37.30
CA ARG A 180 -12.41 -12.55 -38.44
C ARG A 180 -11.22 -13.48 -38.74
N THR A 181 -10.00 -12.87 -38.90
CA THR A 181 -8.72 -13.52 -39.17
C THR A 181 -8.37 -14.49 -38.04
N VAL A 182 -8.65 -14.09 -36.78
CA VAL A 182 -8.38 -14.91 -35.59
C VAL A 182 -9.30 -16.13 -35.58
N GLY A 183 -10.61 -15.90 -35.73
CA GLY A 183 -11.62 -16.95 -35.78
C GLY A 183 -11.33 -17.98 -36.87
N GLU A 184 -11.12 -17.49 -38.10
CA GLU A 184 -10.81 -18.29 -39.28
C GLU A 184 -9.48 -19.06 -39.22
N LYS A 185 -8.36 -18.35 -38.98
CA LYS A 185 -7.02 -18.94 -39.02
C LYS A 185 -6.47 -19.58 -37.72
N LEU A 186 -6.86 -19.13 -36.52
CA LEU A 186 -6.29 -19.73 -35.30
C LEU A 186 -6.75 -21.18 -35.07
N LEU A 187 -5.76 -22.10 -34.84
CA LEU A 187 -5.93 -23.54 -34.58
C LEU A 187 -7.10 -23.87 -33.64
N PRO A 188 -7.81 -25.00 -33.85
CA PRO A 188 -8.99 -25.29 -33.01
C PRO A 188 -8.75 -25.47 -31.52
N GLY A 189 -7.65 -26.16 -31.16
CA GLY A 189 -7.29 -26.46 -29.79
C GLY A 189 -6.85 -25.27 -28.94
N ILE A 190 -6.71 -24.08 -29.57
CA ILE A 190 -6.27 -22.85 -28.90
C ILE A 190 -7.48 -22.04 -28.39
N GLU A 191 -7.47 -21.68 -27.09
CA GLU A 191 -8.54 -20.90 -26.47
C GLU A 191 -8.31 -19.42 -26.61
N VAL A 192 -9.39 -18.63 -26.69
CA VAL A 192 -9.28 -17.18 -26.85
C VAL A 192 -9.76 -16.42 -25.61
N LEU A 193 -8.92 -15.49 -25.10
CA LEU A 193 -9.26 -14.72 -23.90
C LEU A 193 -10.08 -13.43 -24.23
N TRP A 194 -11.20 -13.27 -23.52
CA TRP A 194 -12.13 -12.16 -23.72
C TRP A 194 -12.51 -11.54 -22.34
N THR A 195 -12.55 -10.19 -22.24
CA THR A 195 -12.90 -9.53 -20.97
C THR A 195 -14.35 -8.95 -20.92
N GLY A 196 -15.13 -9.20 -21.97
CA GLY A 196 -16.50 -8.73 -22.11
C GLY A 196 -16.65 -7.40 -22.83
N PRO A 197 -17.86 -6.80 -22.76
CA PRO A 197 -18.11 -5.50 -23.44
C PRO A 197 -17.02 -4.44 -23.35
N LYS A 198 -16.34 -4.33 -22.17
CA LYS A 198 -15.27 -3.37 -21.84
C LYS A 198 -14.11 -4.13 -21.15
N VAL A 199 -13.03 -3.41 -20.78
CA VAL A 199 -11.86 -3.97 -20.09
C VAL A 199 -12.35 -4.42 -18.69
N VAL A 200 -13.09 -3.54 -17.98
CA VAL A 200 -13.68 -3.86 -16.66
C VAL A 200 -15.19 -3.84 -16.92
N SER A 201 -15.78 -5.00 -17.24
CA SER A 201 -17.19 -5.01 -17.60
C SER A 201 -18.14 -4.99 -16.40
N LYS A 202 -19.17 -4.11 -16.42
CA LYS A 202 -20.15 -4.03 -15.35
C LYS A 202 -21.00 -5.31 -15.41
N GLU A 203 -21.35 -5.72 -16.65
CA GLU A 203 -22.13 -6.91 -17.01
C GLU A 203 -21.44 -7.55 -18.18
N ILE A 204 -21.66 -8.84 -18.36
CA ILE A 204 -21.09 -9.57 -19.49
C ILE A 204 -22.32 -10.29 -20.04
N PRO A 205 -23.14 -9.58 -20.88
CA PRO A 205 -24.38 -10.21 -21.38
C PRO A 205 -24.15 -11.39 -22.31
N VAL A 206 -25.10 -12.35 -22.26
CA VAL A 206 -25.12 -13.58 -23.06
C VAL A 206 -25.03 -13.24 -24.57
N GLU A 207 -25.85 -12.24 -24.99
CA GLU A 207 -25.98 -11.67 -26.33
C GLU A 207 -24.60 -11.38 -26.90
N SER A 208 -23.78 -10.61 -26.14
CA SER A 208 -22.41 -10.24 -26.49
C SER A 208 -21.46 -11.46 -26.54
N ILE A 209 -21.74 -12.51 -25.73
CA ILE A 209 -20.90 -13.71 -25.70
C ILE A 209 -21.22 -14.57 -26.93
N GLU A 210 -22.47 -14.53 -27.39
CA GLU A 210 -22.89 -15.26 -28.59
C GLU A 210 -22.24 -14.54 -29.79
N GLU A 211 -22.32 -13.20 -29.79
CA GLU A 211 -21.77 -12.30 -30.80
C GLU A 211 -20.25 -12.53 -31.04
N VAL A 212 -19.44 -12.49 -29.97
CA VAL A 212 -18.00 -12.69 -30.05
C VAL A 212 -17.65 -14.14 -30.41
N SER A 213 -18.44 -15.12 -29.92
CA SER A 213 -18.23 -16.54 -30.19
C SER A 213 -18.30 -16.87 -31.70
N LYS A 214 -19.22 -16.19 -32.43
CA LYS A 214 -19.42 -16.35 -33.86
C LYS A 214 -18.17 -15.93 -34.63
N ILE A 215 -17.75 -14.65 -34.47
CA ILE A 215 -16.59 -14.05 -35.14
C ILE A 215 -15.22 -14.75 -34.76
N ILE A 216 -15.14 -15.47 -33.61
CA ILE A 216 -13.92 -16.20 -33.19
C ILE A 216 -14.09 -17.69 -33.43
N LYS A 217 -15.33 -18.07 -33.85
CA LYS A 217 -15.77 -19.43 -34.19
C LYS A 217 -15.41 -20.48 -33.09
N ARG A 218 -15.69 -20.12 -31.80
CA ARG A 218 -15.45 -20.93 -30.58
C ARG A 218 -16.03 -20.23 -29.32
N ALA A 219 -16.04 -20.92 -28.15
CA ALA A 219 -16.47 -20.29 -26.89
C ALA A 219 -15.23 -19.68 -26.20
N PRO A 220 -15.28 -18.41 -25.74
CA PRO A 220 -14.09 -17.85 -25.09
C PRO A 220 -13.88 -18.30 -23.63
N VAL A 221 -12.69 -17.94 -23.11
CA VAL A 221 -12.28 -18.12 -21.75
C VAL A 221 -12.21 -16.67 -21.31
N ILE A 222 -13.04 -16.31 -20.29
CA ILE A 222 -13.12 -14.93 -19.79
C ILE A 222 -11.94 -14.57 -18.85
N TRP A 223 -11.24 -13.42 -19.14
CA TRP A 223 -10.20 -12.86 -18.27
C TRP A 223 -11.06 -11.74 -17.57
N ASP A 224 -11.54 -12.00 -16.33
CA ASP A 224 -12.38 -11.04 -15.64
C ASP A 224 -11.59 -9.98 -14.85
N ASN A 225 -11.89 -8.69 -15.13
CA ASN A 225 -11.26 -7.58 -14.44
C ASN A 225 -12.21 -6.92 -13.44
N ILE A 226 -13.31 -7.61 -13.10
CA ILE A 226 -14.34 -7.17 -12.14
C ILE A 226 -13.72 -6.76 -10.75
N HIS A 227 -12.72 -7.54 -10.20
CA HIS A 227 -12.15 -7.19 -8.90
C HIS A 227 -10.73 -6.53 -8.99
N ALA A 228 -10.23 -6.32 -10.22
CA ALA A 228 -8.95 -5.66 -10.47
C ALA A 228 -8.98 -4.25 -9.83
N ASN A 229 -7.85 -3.83 -9.23
CA ASN A 229 -7.81 -2.52 -8.60
C ASN A 229 -6.50 -1.81 -8.91
N ASP A 230 -5.71 -2.37 -9.82
CA ASP A 230 -4.46 -1.74 -10.16
C ASP A 230 -4.68 -0.33 -10.75
N TYR A 231 -5.76 -0.09 -11.56
CA TYR A 231 -6.09 1.24 -12.14
C TYR A 231 -6.47 2.37 -11.11
N ASP A 232 -6.82 2.01 -9.85
CA ASP A 232 -7.16 2.94 -8.76
C ASP A 232 -6.96 2.21 -7.45
N GLN A 233 -5.69 2.16 -6.99
CA GLN A 233 -5.33 1.47 -5.76
C GLN A 233 -5.73 2.24 -4.50
N LYS A 234 -6.63 3.25 -4.64
CA LYS A 234 -7.23 4.00 -3.54
C LYS A 234 -8.62 3.32 -3.32
N ARG A 235 -8.87 2.22 -4.10
CA ARG A 235 -10.09 1.39 -4.14
C ARG A 235 -9.78 -0.07 -4.03
N LEU A 236 -10.55 -0.76 -3.19
CA LEU A 236 -10.49 -2.17 -2.90
C LEU A 236 -11.87 -2.74 -3.21
N PHE A 237 -11.93 -3.97 -3.78
CA PHE A 237 -13.20 -4.59 -4.14
C PHE A 237 -13.49 -5.87 -3.35
N LEU A 238 -14.38 -5.74 -2.35
CA LEU A 238 -14.80 -6.83 -1.47
C LEU A 238 -16.22 -7.35 -1.84
N GLY A 239 -16.81 -6.80 -2.90
CA GLY A 239 -18.12 -7.17 -3.40
C GLY A 239 -18.16 -8.57 -3.97
N PRO A 240 -19.36 -9.18 -4.07
CA PRO A 240 -19.44 -10.54 -4.61
C PRO A 240 -19.34 -10.52 -6.11
N TYR A 241 -18.97 -11.66 -6.71
CA TYR A 241 -18.90 -11.76 -8.17
C TYR A 241 -20.34 -11.47 -8.66
N LYS A 242 -20.51 -10.44 -9.49
CA LYS A 242 -21.84 -10.00 -9.92
C LYS A 242 -21.82 -9.52 -11.39
N GLY A 243 -22.98 -9.60 -12.07
CA GLY A 243 -23.17 -9.17 -13.46
C GLY A 243 -22.79 -10.16 -14.55
N ARG A 244 -22.66 -11.45 -14.21
CA ARG A 244 -22.31 -12.49 -15.17
C ARG A 244 -23.31 -13.60 -14.93
N SER A 245 -24.22 -13.85 -15.92
CA SER A 245 -25.26 -14.89 -15.82
C SER A 245 -24.70 -16.30 -15.67
N THR A 246 -25.33 -17.12 -14.82
CA THR A 246 -24.96 -18.52 -14.63
C THR A 246 -25.14 -19.26 -15.97
N GLU A 247 -25.90 -18.61 -16.88
CA GLU A 247 -26.17 -19.06 -18.24
C GLU A 247 -24.93 -18.97 -19.12
N LEU A 248 -23.91 -18.17 -18.69
CA LEU A 248 -22.68 -18.03 -19.46
C LEU A 248 -21.87 -19.31 -19.36
N ILE A 249 -21.98 -20.04 -18.23
CA ILE A 249 -21.16 -21.24 -17.98
C ILE A 249 -21.25 -22.23 -19.16
N PRO A 250 -22.45 -22.73 -19.62
CA PRO A 250 -22.46 -23.64 -20.79
C PRO A 250 -21.96 -23.04 -22.12
N ARG A 251 -21.75 -21.71 -22.16
CA ARG A 251 -21.31 -20.96 -23.32
C ARG A 251 -19.84 -20.48 -23.24
N LEU A 252 -19.07 -20.93 -22.25
CA LEU A 252 -17.68 -20.51 -22.10
C LEU A 252 -16.77 -21.69 -21.84
N LYS A 253 -15.46 -21.53 -22.13
CA LYS A 253 -14.48 -22.57 -21.87
C LYS A 253 -13.76 -22.31 -20.50
N GLY A 254 -14.16 -21.23 -19.82
CA GLY A 254 -13.62 -20.85 -18.52
C GLY A 254 -13.77 -19.39 -18.15
N VAL A 255 -13.48 -19.07 -16.85
CA VAL A 255 -13.45 -17.72 -16.24
C VAL A 255 -12.27 -17.73 -15.29
N LEU A 256 -11.33 -16.82 -15.50
CA LEU A 256 -10.13 -16.65 -14.69
C LEU A 256 -10.19 -15.22 -14.22
N THR A 257 -10.30 -15.03 -12.90
CA THR A 257 -10.44 -13.71 -12.29
C THR A 257 -9.05 -13.06 -11.97
N ASN A 258 -8.92 -11.78 -12.37
CA ASN A 258 -7.76 -10.91 -12.18
C ASN A 258 -8.24 -10.03 -11.03
N PRO A 259 -7.75 -10.30 -9.81
CA PRO A 259 -8.30 -9.61 -8.63
C PRO A 259 -7.45 -8.51 -8.05
N ASN A 260 -7.84 -7.99 -6.88
CA ASN A 260 -7.08 -6.90 -6.21
C ASN A 260 -5.65 -7.33 -6.01
N CYS A 261 -4.72 -6.38 -6.19
CA CYS A 261 -3.27 -6.53 -6.04
C CYS A 261 -3.01 -7.10 -4.67
N GLU A 262 -3.72 -6.57 -3.66
CA GLU A 262 -3.60 -6.96 -2.28
C GLU A 262 -4.20 -8.36 -2.18
N PHE A 263 -3.32 -9.35 -1.96
CA PHE A 263 -3.66 -10.77 -1.89
C PHE A 263 -4.75 -11.14 -0.89
N GLU A 264 -4.62 -10.74 0.35
CA GLU A 264 -5.59 -11.14 1.40
C GLU A 264 -7.05 -10.63 1.21
N ALA A 265 -7.24 -9.54 0.45
CA ALA A 265 -8.52 -8.90 0.14
C ALA A 265 -9.31 -9.63 -0.96
N ASN A 266 -8.75 -10.75 -1.50
CA ASN A 266 -9.45 -11.47 -2.56
C ASN A 266 -10.31 -12.66 -2.07
N TYR A 267 -10.58 -12.76 -0.76
CA TYR A 267 -11.38 -13.87 -0.22
C TYR A 267 -12.77 -13.93 -0.88
N VAL A 268 -13.59 -12.87 -0.75
CA VAL A 268 -14.91 -12.77 -1.34
C VAL A 268 -14.82 -12.99 -2.89
N ALA A 269 -13.94 -12.26 -3.58
CA ALA A 269 -13.77 -12.40 -5.02
C ALA A 269 -13.62 -13.87 -5.49
N ILE A 270 -12.71 -14.63 -4.88
CA ILE A 270 -12.50 -16.00 -5.31
C ILE A 270 -13.61 -16.91 -4.74
N HIS A 271 -14.09 -16.61 -3.52
CA HIS A 271 -15.12 -17.41 -2.90
C HIS A 271 -16.43 -17.37 -3.71
N THR A 272 -16.93 -16.15 -4.01
CA THR A 272 -18.16 -15.91 -4.75
C THR A 272 -18.02 -16.42 -6.19
N LEU A 273 -16.82 -16.28 -6.78
CA LEU A 273 -16.62 -16.83 -8.13
C LEU A 273 -16.85 -18.37 -8.03
N ALA A 274 -16.25 -19.09 -7.03
CA ALA A 274 -16.42 -20.55 -6.88
C ALA A 274 -17.91 -20.88 -6.69
N THR A 275 -18.58 -20.14 -5.78
CA THR A 275 -20.00 -20.31 -5.53
C THR A 275 -20.75 -20.22 -6.87
N TRP A 276 -20.40 -19.23 -7.71
CA TRP A 276 -20.98 -19.00 -9.04
C TRP A 276 -20.69 -20.21 -9.96
N TYR A 277 -19.42 -20.54 -10.22
CA TYR A 277 -19.10 -21.67 -11.09
C TYR A 277 -19.87 -22.91 -10.69
N LYS A 278 -19.72 -23.36 -9.44
CA LYS A 278 -20.36 -24.56 -8.89
C LYS A 278 -21.92 -24.51 -8.99
N SER A 279 -22.52 -23.29 -9.07
CA SER A 279 -23.97 -23.14 -9.15
C SER A 279 -24.59 -23.68 -10.46
N ASN A 280 -23.80 -23.80 -11.53
CA ASN A 280 -24.25 -24.29 -12.84
C ASN A 280 -23.10 -24.95 -13.57
N MET A 281 -22.39 -25.77 -12.81
CA MET A 281 -21.24 -26.53 -13.26
C MET A 281 -21.65 -27.49 -14.41
N ASN A 282 -22.56 -28.45 -14.10
CA ASN A 282 -23.09 -29.48 -15.01
C ASN A 282 -24.10 -28.92 -16.04
N GLY A 283 -24.46 -27.64 -15.85
CA GLY A 283 -25.39 -26.90 -16.68
C GLY A 283 -25.12 -26.94 -18.16
N VAL A 284 -26.19 -27.32 -18.90
CA VAL A 284 -26.27 -27.49 -20.36
C VAL A 284 -27.16 -26.41 -21.03
N ARG A 285 -26.76 -25.99 -22.28
CA ARG A 285 -27.39 -25.01 -23.21
C ARG A 285 -26.54 -24.79 -24.48
N VAL A 317 -33.30 -17.59 -9.75
CA VAL A 317 -32.04 -17.91 -10.45
C VAL A 317 -31.07 -18.73 -9.53
N LEU A 318 -30.11 -19.46 -10.16
CA LEU A 318 -29.12 -20.37 -9.57
C LEU A 318 -28.05 -19.76 -8.65
N TYR A 319 -27.77 -18.43 -8.77
CA TYR A 319 -26.77 -17.69 -7.98
C TYR A 319 -27.28 -16.31 -7.51
N SER A 320 -27.17 -16.01 -6.19
CA SER A 320 -27.53 -14.72 -5.63
C SER A 320 -26.22 -14.09 -5.09
N PRO A 321 -25.80 -12.92 -5.64
CA PRO A 321 -24.58 -12.27 -5.17
C PRO A 321 -24.63 -11.92 -3.70
N GLN A 322 -25.79 -11.47 -3.23
CA GLN A 322 -26.01 -11.12 -1.85
C GLN A 322 -25.82 -12.36 -0.91
N MET A 323 -26.37 -13.50 -1.32
CA MET A 323 -26.26 -14.74 -0.59
C MET A 323 -24.81 -15.29 -0.63
N ALA A 324 -24.20 -15.22 -1.84
CA ALA A 324 -22.83 -15.66 -2.13
C ALA A 324 -21.83 -14.89 -1.25
N LEU A 325 -22.11 -13.58 -1.01
CA LEU A 325 -21.34 -12.69 -0.14
C LEU A 325 -21.41 -13.18 1.30
N LYS A 326 -22.64 -13.27 1.89
CA LYS A 326 -22.86 -13.76 3.27
C LYS A 326 -22.17 -15.09 3.48
N LEU A 327 -22.06 -15.93 2.45
CA LEU A 327 -21.38 -17.21 2.57
C LEU A 327 -19.88 -17.01 2.76
N ALA A 328 -19.29 -16.15 1.90
CA ALA A 328 -17.88 -15.77 1.85
C ALA A 328 -17.50 -15.12 3.17
N LEU A 329 -18.23 -14.04 3.58
CA LEU A 329 -17.98 -13.31 4.83
C LEU A 329 -18.00 -14.27 6.09
N THR A 330 -18.97 -15.22 6.12
CA THR A 330 -19.06 -16.21 7.19
C THR A 330 -17.75 -17.06 7.22
N GLU A 331 -17.35 -17.59 6.06
CA GLU A 331 -16.15 -18.40 5.96
C GLU A 331 -14.85 -17.63 6.29
N TRP A 332 -14.72 -16.38 5.76
CA TRP A 332 -13.56 -15.49 5.93
C TRP A 332 -13.29 -15.15 7.38
N LEU A 333 -14.36 -14.85 8.16
CA LEU A 333 -14.32 -14.48 9.57
C LEU A 333 -13.52 -15.48 10.41
N GLN A 334 -13.58 -16.76 10.05
CA GLN A 334 -12.83 -17.78 10.77
C GLN A 334 -11.33 -17.59 10.65
N GLU A 335 -10.85 -16.78 9.66
CA GLU A 335 -9.43 -16.51 9.43
C GLU A 335 -8.90 -15.34 10.27
N PHE A 336 -9.77 -14.57 10.88
CA PHE A 336 -9.36 -13.41 11.66
C PHE A 336 -8.82 -13.71 13.08
N GLY A 337 -9.32 -14.77 13.76
CA GLY A 337 -8.85 -15.12 15.09
C GLY A 337 -7.82 -16.25 15.13
N MET B 1 -10.47 -3.57 41.87
CA MET B 1 -9.91 -2.33 42.39
C MET B 1 -8.65 -1.92 41.62
N GLU B 2 -7.88 -2.91 41.13
CA GLU B 2 -6.65 -2.69 40.36
C GLU B 2 -6.96 -2.33 38.88
N LYS B 3 -5.91 -2.18 38.04
CA LYS B 3 -6.09 -1.86 36.61
C LYS B 3 -6.40 -3.17 35.85
N PRO B 4 -7.55 -3.25 35.10
CA PRO B 4 -7.88 -4.51 34.38
C PRO B 4 -6.96 -4.85 33.20
N LEU B 5 -6.62 -6.15 33.03
CA LEU B 5 -5.76 -6.69 31.96
C LEU B 5 -6.29 -6.34 30.57
N TYR B 6 -5.38 -6.27 29.57
CA TYR B 6 -5.79 -5.92 28.21
C TYR B 6 -6.52 -7.04 27.48
N THR B 7 -7.76 -6.72 27.08
CA THR B 7 -8.63 -7.60 26.29
C THR B 7 -9.13 -6.79 25.11
N ALA B 8 -9.39 -7.49 23.99
CA ALA B 8 -9.90 -6.88 22.78
C ALA B 8 -11.09 -7.66 22.27
N GLU B 9 -12.11 -6.92 21.82
CA GLU B 9 -13.33 -7.50 21.26
C GLU B 9 -12.99 -8.14 19.91
N PRO B 10 -13.52 -9.34 19.59
CA PRO B 10 -13.18 -9.96 18.30
C PRO B 10 -13.87 -9.27 17.11
N VAL B 11 -13.43 -9.63 15.88
CA VAL B 11 -14.02 -9.12 14.66
C VAL B 11 -15.30 -9.92 14.56
N THR B 12 -16.38 -9.24 14.18
CA THR B 12 -17.70 -9.84 14.07
C THR B 12 -18.11 -9.90 12.58
N LEU B 13 -19.11 -10.72 12.27
CA LEU B 13 -19.63 -10.87 10.91
C LEU B 13 -20.28 -9.56 10.47
N GLU B 14 -20.92 -8.84 11.40
CA GLU B 14 -21.59 -7.55 11.12
C GLU B 14 -20.59 -6.49 10.65
N ASP B 15 -19.33 -6.59 11.14
CA ASP B 15 -18.21 -5.73 10.78
C ASP B 15 -17.84 -6.04 9.32
N LEU B 16 -17.61 -7.36 8.97
CA LEU B 16 -17.26 -7.77 7.61
C LEU B 16 -18.34 -7.35 6.62
N GLN B 17 -19.59 -7.43 7.03
CA GLN B 17 -20.70 -7.02 6.19
C GLN B 17 -20.66 -5.54 5.99
N LEU B 18 -20.19 -4.78 6.99
CA LEU B 18 -20.08 -3.33 6.82
C LEU B 18 -18.87 -2.98 5.93
N LEU B 19 -17.71 -3.61 6.20
CA LEU B 19 -16.44 -3.48 5.49
C LEU B 19 -16.70 -3.67 3.99
N ALA B 20 -17.33 -4.81 3.61
CA ALA B 20 -17.64 -5.12 2.23
C ALA B 20 -18.62 -4.13 1.62
N ASP B 21 -19.44 -3.45 2.43
CA ASP B 21 -20.36 -2.47 1.83
C ASP B 21 -19.65 -1.19 1.50
N LEU B 22 -18.67 -0.80 2.36
CA LEU B 22 -17.83 0.37 2.19
C LEU B 22 -16.90 0.19 0.98
N PHE B 23 -16.32 -1.04 0.80
CA PHE B 23 -15.40 -1.37 -0.31
C PHE B 23 -16.07 -2.43 -1.16
N TYR B 24 -17.10 -2.01 -1.92
CA TYR B 24 -17.94 -2.94 -2.69
C TYR B 24 -17.42 -3.38 -4.09
N LEU B 25 -17.92 -2.74 -5.14
CA LEU B 25 -17.59 -3.10 -6.53
C LEU B 25 -17.25 -1.89 -7.38
N PRO B 26 -16.64 -2.07 -8.59
CA PRO B 26 -16.26 -0.88 -9.41
C PRO B 26 -17.40 0.08 -9.78
N TYR B 27 -18.60 -0.45 -10.02
CA TYR B 27 -19.75 0.33 -10.47
C TYR B 27 -20.87 0.43 -9.48
N GLU B 28 -20.66 -0.11 -8.29
CA GLU B 28 -21.69 -0.11 -7.28
C GLU B 28 -21.17 -0.02 -5.86
N HIS B 29 -21.89 0.77 -5.05
CA HIS B 29 -21.61 0.90 -3.63
C HIS B 29 -22.45 -0.15 -2.90
N GLY B 30 -22.03 -0.51 -1.70
CA GLY B 30 -22.77 -1.49 -0.92
C GLY B 30 -23.97 -0.78 -0.31
N PRO B 31 -25.04 -1.54 0.03
CA PRO B 31 -26.23 -0.92 0.64
C PRO B 31 -25.95 0.05 1.80
N LYS B 32 -25.17 -0.41 2.81
CA LYS B 32 -24.83 0.36 4.00
C LYS B 32 -24.11 1.66 3.62
N GLY B 33 -23.20 1.56 2.66
CA GLY B 33 -22.42 2.68 2.16
C GLY B 33 -23.20 3.69 1.35
N ALA B 34 -23.93 3.20 0.34
CA ALA B 34 -24.77 4.03 -0.57
C ALA B 34 -25.77 4.85 0.28
N GLN B 35 -26.27 4.22 1.37
CA GLN B 35 -27.17 4.73 2.38
C GLN B 35 -26.52 5.88 3.16
N MET B 36 -25.44 5.60 3.95
CA MET B 36 -24.68 6.58 4.74
C MET B 36 -24.40 7.82 3.91
N LEU B 37 -24.02 7.62 2.65
CA LEU B 37 -23.73 8.69 1.73
C LEU B 37 -24.96 9.55 1.47
N ARG B 38 -26.14 8.92 1.23
CA ARG B 38 -27.44 9.61 1.01
C ARG B 38 -27.82 10.45 2.23
N GLU B 39 -27.64 9.87 3.45
CA GLU B 39 -27.94 10.50 4.72
C GLU B 39 -27.11 11.72 4.98
N PHE B 40 -25.81 11.67 4.66
CA PHE B 40 -24.90 12.81 4.81
C PHE B 40 -25.28 13.90 3.80
N GLN B 41 -25.63 13.49 2.55
CA GLN B 41 -26.06 14.40 1.48
C GLN B 41 -27.29 15.16 1.95
N TRP B 42 -28.23 14.43 2.59
CA TRP B 42 -29.48 14.92 3.14
C TRP B 42 -29.31 15.89 4.31
N LEU B 43 -28.53 15.50 5.36
CA LEU B 43 -28.29 16.34 6.53
C LEU B 43 -27.59 17.67 6.19
N ARG B 44 -26.80 17.68 5.10
CA ARG B 44 -26.07 18.86 4.63
C ARG B 44 -27.03 19.81 3.89
N ALA B 45 -27.98 19.24 3.12
CA ALA B 45 -29.00 20.02 2.38
C ALA B 45 -30.02 20.69 3.34
N ASN B 46 -29.87 20.42 4.66
CA ASN B 46 -30.75 20.93 5.70
C ASN B 46 -30.00 21.67 6.82
N SER B 47 -30.62 22.77 7.28
CA SER B 47 -30.11 23.68 8.32
C SER B 47 -31.24 24.34 9.17
N SER B 48 -31.26 24.05 10.49
CA SER B 48 -32.24 24.58 11.44
C SER B 48 -31.56 25.07 12.70
N GLU B 64 -36.68 16.03 13.67
CA GLU B 64 -36.53 14.97 12.67
C GLU B 64 -35.09 14.88 12.13
N TRP B 65 -34.48 16.05 11.83
CA TRP B 65 -33.11 16.19 11.31
C TRP B 65 -32.18 15.54 12.33
N ARG B 66 -32.32 15.93 13.62
CA ARG B 66 -31.55 15.43 14.75
C ARG B 66 -31.87 13.96 15.02
N SER B 67 -33.07 13.50 14.61
CA SER B 67 -33.53 12.12 14.78
C SER B 67 -32.69 11.20 13.86
N ARG B 68 -32.48 11.63 12.59
CA ARG B 68 -31.68 10.89 11.59
C ARG B 68 -30.17 11.07 11.82
N ALA B 69 -29.76 12.30 12.22
CA ALA B 69 -28.38 12.67 12.52
C ALA B 69 -27.82 11.80 13.64
N ALA B 70 -28.66 11.49 14.65
CA ALA B 70 -28.26 10.65 15.77
C ALA B 70 -27.96 9.23 15.29
N LYS B 71 -28.74 8.76 14.27
CA LYS B 71 -28.61 7.43 13.66
C LYS B 71 -27.36 7.33 12.75
N PHE B 72 -27.04 8.44 12.02
CA PHE B 72 -25.88 8.57 11.13
C PHE B 72 -24.59 8.55 11.94
N GLU B 73 -24.62 9.22 13.12
CA GLU B 73 -23.52 9.29 14.07
C GLU B 73 -23.24 7.91 14.68
N GLU B 74 -24.27 7.05 14.78
CA GLU B 74 -24.17 5.68 15.30
C GLU B 74 -23.52 4.84 14.21
N MET B 75 -23.97 5.07 12.95
CA MET B 75 -23.49 4.41 11.72
C MET B 75 -21.98 4.65 11.55
N CYS B 76 -21.54 5.93 11.76
CA CYS B 76 -20.15 6.37 11.71
C CYS B 76 -19.41 5.60 12.81
N GLY B 77 -19.96 5.61 14.03
CA GLY B 77 -19.44 4.91 15.20
C GLY B 77 -19.16 3.44 14.94
N LEU B 78 -20.02 2.80 14.11
CA LEU B 78 -19.94 1.39 13.70
C LEU B 78 -18.72 1.14 12.83
N VAL B 79 -18.43 2.08 11.88
CA VAL B 79 -17.27 2.04 10.96
C VAL B 79 -16.01 2.11 11.83
N MET B 80 -16.03 3.03 12.81
CA MET B 80 -14.91 3.21 13.73
C MET B 80 -14.74 1.99 14.63
N GLY B 81 -15.84 1.48 15.21
CA GLY B 81 -15.80 0.28 16.03
C GLY B 81 -15.15 -0.85 15.26
N MET B 82 -15.64 -1.02 14.00
CA MET B 82 -15.19 -2.00 13.00
C MET B 82 -13.68 -1.90 12.78
N PHE B 83 -13.14 -0.66 12.52
CA PHE B 83 -11.70 -0.46 12.31
C PHE B 83 -10.89 -1.04 13.47
N THR B 84 -11.25 -0.63 14.72
CA THR B 84 -10.65 -1.02 15.99
C THR B 84 -10.53 -2.52 16.11
N ARG B 85 -11.68 -3.24 16.05
CA ARG B 85 -11.71 -4.70 16.16
C ARG B 85 -10.85 -5.37 15.10
N LEU B 86 -10.85 -4.80 13.88
CA LEU B 86 -10.08 -5.30 12.75
C LEU B 86 -8.61 -5.14 13.05
N SER B 87 -8.23 -3.99 13.66
CA SER B 87 -6.82 -3.67 14.03
C SER B 87 -6.31 -4.43 15.24
N ASN B 88 -7.23 -4.92 16.10
CA ASN B 88 -6.84 -5.67 17.29
C ASN B 88 -6.79 -7.16 17.05
N CYS B 89 -7.42 -7.62 15.97
CA CYS B 89 -7.53 -9.00 15.56
C CYS B 89 -6.18 -9.74 15.49
N ALA B 90 -6.23 -11.06 15.69
CA ALA B 90 -5.09 -11.97 15.69
C ALA B 90 -4.35 -11.96 14.38
N ASN B 91 -5.09 -12.00 13.24
CA ASN B 91 -4.50 -12.03 11.90
C ASN B 91 -4.08 -10.69 11.37
N ARG B 92 -2.83 -10.33 11.68
CA ARG B 92 -2.22 -9.08 11.27
C ARG B 92 -2.11 -9.07 9.76
N THR B 93 -1.75 -10.24 9.14
CA THR B 93 -1.57 -10.47 7.70
C THR B 93 -2.76 -10.00 6.87
N ILE B 94 -3.97 -10.33 7.32
CA ILE B 94 -5.17 -9.89 6.60
C ILE B 94 -5.28 -8.39 6.73
N LEU B 95 -5.12 -7.87 7.97
CA LEU B 95 -5.22 -6.42 8.21
C LEU B 95 -4.15 -5.60 7.52
N TYR B 96 -2.89 -6.05 7.51
CA TYR B 96 -1.78 -5.30 6.93
C TYR B 96 -1.93 -5.09 5.41
N ASP B 97 -2.68 -6.00 4.75
CA ASP B 97 -3.00 -6.00 3.34
C ASP B 97 -4.13 -5.02 3.01
N MET B 98 -4.83 -4.47 4.02
CA MET B 98 -5.97 -3.57 3.83
C MET B 98 -5.93 -2.33 4.73
N TYR B 99 -4.91 -2.25 5.63
CA TYR B 99 -4.74 -1.18 6.59
C TYR B 99 -4.94 0.20 5.97
N SER B 100 -4.31 0.49 4.82
CA SER B 100 -4.43 1.77 4.14
C SER B 100 -5.90 2.13 3.87
N TYR B 101 -6.68 1.22 3.25
CA TYR B 101 -8.08 1.43 2.89
C TYR B 101 -8.97 1.58 4.11
N VAL B 102 -8.83 0.63 5.03
CA VAL B 102 -9.58 0.58 6.29
C VAL B 102 -9.30 1.83 7.16
N TRP B 103 -8.01 2.13 7.44
CA TRP B 103 -7.61 3.28 8.25
C TRP B 103 -8.18 4.55 7.66
N ASP B 104 -8.08 4.67 6.34
CA ASP B 104 -8.55 5.81 5.59
C ASP B 104 -10.03 6.10 5.72
N ILE B 105 -10.92 5.09 5.58
CA ILE B 105 -12.36 5.31 5.69
C ILE B 105 -12.73 5.72 7.13
N LYS B 106 -12.10 5.07 8.15
CA LYS B 106 -12.30 5.36 9.57
C LYS B 106 -12.02 6.89 9.82
N SER B 107 -10.88 7.40 9.29
CA SER B 107 -10.47 8.80 9.38
C SER B 107 -11.47 9.75 8.71
N ILE B 108 -11.94 9.45 7.47
CA ILE B 108 -12.91 10.31 6.76
C ILE B 108 -14.26 10.32 7.52
N MET B 109 -14.66 9.18 8.11
CA MET B 109 -15.90 9.04 8.88
C MET B 109 -15.86 9.88 10.15
N SER B 110 -14.75 9.77 10.91
CA SER B 110 -14.51 10.50 12.14
C SER B 110 -14.79 11.98 11.93
N MET B 111 -14.17 12.58 10.92
CA MET B 111 -14.38 14.00 10.60
C MET B 111 -15.77 14.25 10.00
N VAL B 112 -16.34 13.29 9.27
CA VAL B 112 -17.68 13.51 8.71
C VAL B 112 -18.70 13.56 9.88
N LYS B 113 -18.49 12.70 10.91
CA LYS B 113 -19.29 12.60 12.14
C LYS B 113 -19.21 13.93 12.88
N SER B 114 -17.97 14.37 13.18
CA SER B 114 -17.66 15.61 13.86
C SER B 114 -18.39 16.78 13.18
N PHE B 115 -18.35 16.84 11.83
CA PHE B 115 -19.02 17.85 11.02
C PHE B 115 -20.53 17.87 11.26
N VAL B 116 -21.15 16.68 11.48
CA VAL B 116 -22.59 16.51 11.76
C VAL B 116 -22.94 17.11 13.14
N GLN B 117 -22.12 16.78 14.17
CA GLN B 117 -22.28 17.28 15.54
C GLN B 117 -22.19 18.83 15.58
N TRP B 118 -21.37 19.41 14.69
CA TRP B 118 -21.17 20.86 14.52
C TRP B 118 -22.43 21.48 13.90
N LEU B 119 -23.11 20.73 13.02
CA LEU B 119 -24.33 21.18 12.34
C LEU B 119 -25.54 21.11 13.28
N GLY B 120 -25.45 20.26 14.30
CA GLY B 120 -26.50 20.10 15.32
C GLY B 120 -26.10 20.79 16.62
N CYS B 121 -25.39 21.93 16.49
CA CYS B 121 -24.87 22.77 17.58
C CYS B 121 -24.53 24.14 16.96
N ARG B 122 -25.52 25.06 17.01
CA ARG B 122 -25.40 26.42 16.46
C ARG B 122 -25.94 27.48 17.44
N ARG B 140 -5.37 16.86 3.51
CA ARG B 140 -5.56 15.40 3.49
C ARG B 140 -5.78 14.87 2.06
N GLY B 141 -5.50 13.57 1.86
CA GLY B 141 -5.65 12.90 0.58
C GLY B 141 -4.58 13.19 -0.45
N GLY B 142 -3.72 14.17 -0.13
CA GLY B 142 -2.59 14.62 -0.95
C GLY B 142 -2.90 15.54 -2.11
N LEU B 143 -1.93 15.66 -3.04
CA LEU B 143 -2.01 16.50 -4.24
C LEU B 143 -2.89 15.89 -5.30
N ALA B 144 -2.84 14.57 -5.51
CA ALA B 144 -3.69 13.94 -6.52
C ALA B 144 -5.17 14.27 -6.23
N GLY B 145 -5.56 14.12 -4.96
CA GLY B 145 -6.91 14.42 -4.46
C GLY B 145 -7.38 15.85 -4.70
N GLU B 146 -6.43 16.80 -4.71
CA GLU B 146 -6.68 18.22 -4.95
C GLU B 146 -6.93 18.47 -6.41
N PHE B 147 -6.29 17.69 -7.27
CA PHE B 147 -6.49 17.83 -8.70
C PHE B 147 -7.82 17.16 -9.01
N GLN B 148 -8.13 16.04 -8.30
CA GLN B 148 -9.37 15.25 -8.40
C GLN B 148 -10.57 16.17 -8.20
N ARG B 149 -10.56 16.95 -7.08
CA ARG B 149 -11.58 17.92 -6.68
C ARG B 149 -11.74 19.06 -7.69
N LEU B 150 -10.63 19.55 -8.27
CA LEU B 150 -10.65 20.63 -9.26
C LEU B 150 -11.29 20.22 -10.62
N LEU B 151 -11.85 19.00 -10.70
CA LEU B 151 -12.51 18.47 -11.91
C LEU B 151 -14.01 18.19 -11.62
N PRO B 152 -14.90 18.19 -12.65
CA PRO B 152 -16.34 17.90 -12.39
C PRO B 152 -16.65 16.62 -11.61
N ARG C 3 30.85 15.45 22.65
CA ARG C 3 29.46 15.70 23.03
C ARG C 3 28.52 14.57 22.52
N ARG C 4 27.57 14.12 23.40
CA ARG C 4 26.63 13.06 23.06
C ARG C 4 25.24 13.55 22.65
N PHE C 5 25.00 13.47 21.33
CA PHE C 5 23.76 13.84 20.67
C PHE C 5 23.27 12.58 19.97
N LEU C 6 22.03 12.16 20.27
CA LEU C 6 21.45 10.95 19.68
C LEU C 6 20.70 11.32 18.46
N CYS C 7 21.29 11.05 17.29
CA CYS C 7 20.62 11.36 16.04
C CYS C 7 20.43 10.10 15.25
N GLY C 8 19.20 9.84 14.86
CA GLY C 8 18.84 8.65 14.12
C GLY C 8 17.35 8.51 13.85
N VAL C 9 16.91 7.27 13.68
CA VAL C 9 15.54 6.92 13.32
C VAL C 9 14.80 6.19 14.41
N VAL C 10 13.50 6.50 14.56
CA VAL C 10 12.60 5.78 15.47
C VAL C 10 11.57 5.00 14.64
N GLU C 11 11.46 3.67 14.85
CA GLU C 11 10.44 2.89 14.17
C GLU C 11 9.30 2.84 15.23
N GLY C 12 8.43 3.86 15.29
CA GLY C 12 7.35 3.94 16.28
C GLY C 12 5.96 4.22 15.73
N PHE C 13 5.68 3.66 14.53
CA PHE C 13 4.44 3.81 13.76
C PHE C 13 3.46 2.63 13.81
N TYR C 14 2.16 2.94 13.55
CA TYR C 14 1.07 2.00 13.48
C TYR C 14 1.00 1.48 12.05
N GLY C 15 1.26 0.19 11.88
CA GLY C 15 1.20 -0.47 10.59
C GLY C 15 2.12 -1.67 10.50
N ARG C 16 2.28 -2.17 9.27
CA ARG C 16 3.17 -3.28 9.01
C ARG C 16 4.57 -2.82 9.40
N PRO C 17 5.19 -3.55 10.34
CA PRO C 17 6.55 -3.16 10.76
C PRO C 17 7.61 -3.57 9.73
N TRP C 18 8.83 -3.06 9.91
CA TRP C 18 9.91 -3.36 9.00
C TRP C 18 10.46 -4.73 9.31
N VAL C 19 11.01 -5.37 8.30
CA VAL C 19 11.57 -6.71 8.36
C VAL C 19 13.09 -6.67 8.60
N MET C 20 13.67 -7.79 9.10
CA MET C 20 15.11 -7.95 9.38
C MET C 20 16.02 -7.21 8.40
N GLU C 21 16.05 -7.65 7.11
CA GLU C 21 16.90 -7.08 6.06
C GLU C 21 16.69 -5.56 5.81
N GLN C 22 15.46 -5.02 6.07
CA GLN C 22 15.16 -3.59 5.94
C GLN C 22 15.93 -2.85 7.06
N ARG C 23 15.72 -3.30 8.31
CA ARG C 23 16.35 -2.77 9.52
C ARG C 23 17.88 -2.80 9.36
N LYS C 24 18.44 -3.93 8.81
CA LYS C 24 19.86 -4.09 8.52
C LYS C 24 20.30 -2.99 7.54
N GLU C 25 19.55 -2.80 6.43
CA GLU C 25 19.81 -1.76 5.42
C GLU C 25 19.76 -0.37 6.04
N LEU C 26 18.80 -0.13 6.96
CA LEU C 26 18.68 1.15 7.66
C LEU C 26 20.00 1.44 8.42
N PHE C 27 20.56 0.42 9.10
CA PHE C 27 21.82 0.55 9.84
C PHE C 27 23.00 0.91 8.91
N ARG C 28 23.08 0.25 7.72
CA ARG C 28 24.13 0.50 6.72
C ARG C 28 24.08 1.99 6.36
N ARG C 29 22.84 2.50 6.13
CA ARG C 29 22.53 3.88 5.75
C ARG C 29 22.91 4.85 6.81
N LEU C 30 22.39 4.66 8.07
CA LEU C 30 22.67 5.53 9.22
C LEU C 30 24.16 5.61 9.46
N GLN C 31 24.90 4.49 9.23
CA GLN C 31 26.35 4.50 9.41
C GLN C 31 27.00 5.46 8.39
N LYS C 32 26.80 5.19 7.11
CA LYS C 32 27.30 5.93 5.97
C LYS C 32 27.01 7.45 6.08
N TRP C 33 25.90 7.81 6.73
CA TRP C 33 25.49 9.20 6.89
C TRP C 33 25.84 9.77 8.26
N GLU C 34 26.74 9.07 9.00
CA GLU C 34 27.24 9.46 10.33
C GLU C 34 26.15 9.72 11.37
N LEU C 35 25.06 8.94 11.32
CA LEU C 35 23.97 9.03 12.29
C LEU C 35 24.27 7.90 13.27
N ASN C 36 23.73 7.94 14.49
CA ASN C 36 24.14 6.95 15.47
C ASN C 36 23.09 6.17 16.26
N THR C 37 21.81 6.54 16.18
CA THR C 37 20.83 5.83 17.01
C THR C 37 19.71 5.13 16.24
N TYR C 38 19.00 4.21 16.93
CA TYR C 38 17.87 3.47 16.40
C TYR C 38 16.96 3.09 17.54
N LEU C 39 15.72 3.64 17.52
CA LEU C 39 14.76 3.38 18.59
C LEU C 39 13.71 2.35 18.17
N TYR C 40 13.74 1.19 18.82
CA TYR C 40 12.85 0.09 18.55
C TYR C 40 11.53 0.23 19.33
N ALA C 41 10.50 0.77 18.64
CA ALA C 41 9.15 0.97 19.17
C ALA C 41 8.03 0.57 18.15
N PRO C 42 8.18 -0.47 17.28
CA PRO C 42 7.10 -0.80 16.35
C PRO C 42 5.81 -1.12 17.09
N LYS C 43 4.72 -0.39 16.76
CA LYS C 43 3.39 -0.55 17.40
C LYS C 43 2.77 -1.95 17.17
N ASP C 44 3.17 -2.65 16.08
CA ASP C 44 2.69 -4.00 15.75
C ASP C 44 3.04 -4.92 16.90
N ASP C 45 4.34 -4.85 17.37
CA ASP C 45 4.90 -5.63 18.47
C ASP C 45 4.03 -5.54 19.71
N TYR C 46 3.31 -6.65 19.95
CA TYR C 46 2.38 -6.84 21.05
C TYR C 46 3.18 -6.74 22.36
N LYS C 47 4.33 -7.45 22.40
CA LYS C 47 5.27 -7.57 23.51
C LYS C 47 6.00 -6.27 23.85
N HIS C 48 5.98 -5.27 22.98
CA HIS C 48 6.59 -3.99 23.29
C HIS C 48 5.52 -3.12 23.96
N ARG C 49 4.27 -3.23 23.47
CA ARG C 49 3.13 -2.43 23.94
C ARG C 49 2.03 -3.23 24.67
N MET C 50 0.95 -3.59 23.94
CA MET C 50 -0.24 -4.30 24.42
C MET C 50 0.04 -5.37 25.48
N PHE C 51 0.81 -6.41 25.09
CA PHE C 51 1.20 -7.59 25.86
C PHE C 51 2.63 -7.49 26.39
N TRP C 52 2.99 -6.35 26.97
CA TRP C 52 4.34 -6.10 27.50
C TRP C 52 4.83 -7.15 28.52
N ARG C 53 3.89 -7.67 29.33
CA ARG C 53 4.17 -8.69 30.36
C ARG C 53 4.69 -10.00 29.77
N GLU C 54 4.19 -10.38 28.57
CA GLU C 54 4.57 -11.61 27.83
C GLU C 54 6.06 -11.70 27.48
N MET C 55 6.56 -12.90 27.22
CA MET C 55 7.98 -13.07 26.91
C MET C 55 8.24 -13.53 25.49
N TYR C 56 9.35 -13.07 24.91
CA TYR C 56 9.75 -13.47 23.56
C TYR C 56 10.06 -14.97 23.52
N SER C 57 9.63 -15.64 22.45
CA SER C 57 9.85 -17.07 22.23
C SER C 57 11.30 -17.28 21.83
N VAL C 58 11.68 -18.52 21.51
CA VAL C 58 13.05 -18.78 21.10
C VAL C 58 13.24 -18.18 19.69
N GLU C 59 12.20 -18.29 18.83
CA GLU C 59 12.14 -17.78 17.45
C GLU C 59 12.34 -16.28 17.48
N GLU C 60 11.57 -15.61 18.36
CA GLU C 60 11.58 -14.17 18.59
C GLU C 60 12.94 -13.73 19.13
N ALA C 61 13.43 -14.43 20.16
CA ALA C 61 14.70 -14.16 20.80
C ALA C 61 15.87 -14.14 19.83
N GLU C 62 15.96 -15.16 18.95
CA GLU C 62 17.02 -15.29 17.96
C GLU C 62 17.01 -14.11 16.99
N GLN C 63 15.79 -13.67 16.56
CA GLN C 63 15.61 -12.54 15.65
C GLN C 63 16.18 -11.26 16.26
N LEU C 64 15.67 -10.82 17.44
CA LEU C 64 16.16 -9.64 18.16
C LEU C 64 17.67 -9.66 18.38
N MET C 65 18.24 -10.83 18.70
CA MET C 65 19.67 -10.99 18.90
C MET C 65 20.38 -10.60 17.59
N THR C 66 19.99 -11.27 16.47
CA THR C 66 20.50 -11.07 15.09
C THR C 66 20.36 -9.59 14.67
N LEU C 67 19.24 -8.96 15.07
CA LEU C 67 18.93 -7.54 14.83
C LEU C 67 19.91 -6.66 15.64
N ILE C 68 20.10 -6.96 16.95
CA ILE C 68 21.03 -6.21 17.80
C ILE C 68 22.49 -6.42 17.35
N SER C 69 22.83 -7.62 16.87
CA SER C 69 24.15 -7.96 16.37
C SER C 69 24.51 -7.09 15.18
N ALA C 70 23.52 -6.74 14.33
CA ALA C 70 23.71 -5.87 13.17
C ALA C 70 23.85 -4.40 13.60
N ALA C 71 23.17 -4.01 14.70
CA ALA C 71 23.26 -2.63 15.21
C ALA C 71 24.72 -2.35 15.60
N ARG C 72 25.34 -3.30 16.37
CA ARG C 72 26.75 -3.23 16.80
C ARG C 72 27.68 -3.22 15.56
N GLU C 73 27.46 -4.18 14.65
CA GLU C 73 28.16 -4.41 13.38
C GLU C 73 28.28 -3.14 12.52
N TYR C 74 27.25 -2.26 12.55
CA TYR C 74 27.20 -1.03 11.78
C TYR C 74 27.39 0.24 12.65
N GLU C 75 27.86 0.06 13.88
CA GLU C 75 28.13 1.15 14.83
C GLU C 75 26.89 2.02 15.11
N ILE C 76 25.72 1.36 15.26
CA ILE C 76 24.45 2.01 15.59
C ILE C 76 24.04 1.60 17.01
N GLU C 77 23.55 2.58 17.80
CA GLU C 77 23.10 2.35 19.15
C GLU C 77 21.67 1.88 19.09
N PHE C 78 21.41 0.72 19.64
CA PHE C 78 20.07 0.17 19.63
C PHE C 78 19.40 0.42 20.96
N ILE C 79 18.20 1.02 20.93
CA ILE C 79 17.42 1.30 22.13
C ILE C 79 16.16 0.48 22.06
N TYR C 80 15.83 -0.26 23.11
CA TYR C 80 14.61 -1.05 23.13
C TYR C 80 13.62 -0.28 23.95
N ALA C 81 12.50 0.06 23.34
CA ALA C 81 11.43 0.78 24.00
C ALA C 81 10.36 -0.19 24.49
N ILE C 82 9.66 0.19 25.55
CA ILE C 82 8.60 -0.63 26.13
C ILE C 82 7.49 0.30 26.61
N SER C 83 6.25 -0.04 26.28
CA SER C 83 5.10 0.78 26.65
C SER C 83 4.14 -0.04 27.54
N PRO C 84 4.18 0.16 28.88
CA PRO C 84 3.32 -0.62 29.77
C PRO C 84 2.06 0.08 30.33
N GLY C 85 1.99 1.40 30.20
CA GLY C 85 0.92 2.25 30.71
C GLY C 85 -0.54 1.94 30.39
N LEU C 86 -0.80 0.90 29.56
CA LEU C 86 -2.15 0.50 29.17
C LEU C 86 -2.91 -0.09 30.35
N ASP C 87 -2.47 -1.29 30.80
CA ASP C 87 -3.05 -2.06 31.89
C ASP C 87 -2.17 -2.17 33.16
N ILE C 88 -0.98 -1.51 33.19
CA ILE C 88 -0.08 -1.57 34.36
C ILE C 88 -0.72 -1.05 35.64
N THR C 89 -0.44 -1.76 36.75
CA THR C 89 -0.87 -1.43 38.11
C THR C 89 0.43 -0.99 38.79
N PHE C 90 0.73 0.32 38.66
CA PHE C 90 1.92 1.02 39.15
C PHE C 90 2.35 0.63 40.57
N SER C 91 1.38 0.49 41.50
CA SER C 91 1.59 0.11 42.89
C SER C 91 2.06 -1.34 43.05
N ASN C 92 1.22 -2.32 42.63
CA ASN C 92 1.49 -3.77 42.69
C ASN C 92 2.96 -4.12 42.32
N PRO C 93 3.68 -4.83 43.22
CA PRO C 93 5.10 -5.14 42.93
C PRO C 93 5.34 -6.30 41.96
N LYS C 94 4.32 -7.13 41.68
CA LYS C 94 4.44 -8.23 40.72
C LYS C 94 4.60 -7.62 39.32
N GLU C 95 3.88 -6.49 39.08
CA GLU C 95 3.89 -5.72 37.84
C GLU C 95 5.33 -5.27 37.60
N VAL C 96 5.87 -4.47 38.54
CA VAL C 96 7.22 -3.95 38.56
C VAL C 96 8.24 -5.09 38.43
N SER C 97 7.90 -6.28 38.98
CA SER C 97 8.75 -7.48 38.93
C SER C 97 8.79 -8.02 37.49
N THR C 98 7.59 -8.15 36.84
CA THR C 98 7.48 -8.63 35.47
C THR C 98 8.19 -7.70 34.50
N LEU C 99 8.08 -6.36 34.75
CA LEU C 99 8.75 -5.35 33.93
C LEU C 99 10.25 -5.63 33.91
N LYS C 100 10.85 -5.82 35.12
CA LYS C 100 12.26 -6.14 35.32
C LYS C 100 12.63 -7.46 34.62
N ARG C 101 11.74 -8.49 34.66
CA ARG C 101 11.96 -9.78 34.02
C ARG C 101 12.11 -9.63 32.51
N LYS C 102 11.23 -8.79 31.90
CA LYS C 102 11.22 -8.51 30.46
C LYS C 102 12.51 -7.83 29.98
N LEU C 103 12.88 -6.71 30.64
CA LEU C 103 14.09 -5.95 30.36
C LEU C 103 15.35 -6.80 30.52
N ASP C 104 15.29 -7.82 31.42
CA ASP C 104 16.35 -8.80 31.70
C ASP C 104 16.56 -9.64 30.46
N GLN C 105 15.46 -10.17 29.90
CA GLN C 105 15.45 -10.98 28.68
C GLN C 105 16.02 -10.16 27.54
N VAL C 106 15.62 -8.88 27.47
CA VAL C 106 16.10 -7.99 26.41
C VAL C 106 17.61 -7.74 26.59
N SER C 107 18.08 -7.59 27.85
CA SER C 107 19.51 -7.40 28.15
C SER C 107 20.31 -8.64 27.77
N GLN C 108 19.65 -9.83 27.79
CA GLN C 108 20.25 -11.11 27.41
C GLN C 108 20.55 -11.11 25.92
N PHE C 109 19.77 -10.33 25.13
CA PHE C 109 19.93 -10.26 23.66
C PHE C 109 21.11 -9.40 23.19
N GLY C 110 21.63 -8.57 24.09
CA GLY C 110 22.76 -7.69 23.82
C GLY C 110 22.46 -6.21 23.84
N CYS C 111 21.26 -5.83 24.36
CA CYS C 111 20.78 -4.46 24.47
C CYS C 111 21.10 -3.89 25.83
N ARG C 112 21.66 -2.67 25.83
CA ARG C 112 22.05 -1.94 27.02
C ARG C 112 21.24 -0.63 27.20
N SER C 113 20.82 0.01 26.08
CA SER C 113 20.04 1.26 26.10
C SER C 113 18.55 0.96 26.05
N PHE C 114 17.75 1.67 26.90
CA PHE C 114 16.29 1.49 26.99
C PHE C 114 15.50 2.79 26.98
N ALA C 115 14.16 2.67 26.81
CA ALA C 115 13.19 3.75 26.76
C ALA C 115 11.86 3.23 27.27
N LEU C 116 11.24 4.00 28.16
CA LEU C 116 9.96 3.68 28.77
C LEU C 116 8.98 4.71 28.23
N LEU C 117 8.03 4.26 27.41
CA LEU C 117 7.06 5.14 26.79
C LEU C 117 5.69 5.12 27.45
N PHE C 118 5.22 6.32 27.80
CA PHE C 118 3.90 6.50 28.40
C PHE C 118 3.05 7.37 27.45
N ASP C 119 3.31 7.20 26.15
CA ASP C 119 2.63 7.89 25.06
C ASP C 119 1.26 7.26 24.83
N ASP C 120 0.27 8.12 24.52
CA ASP C 120 -1.12 7.74 24.20
C ASP C 120 -1.68 6.62 25.13
N ILE C 121 -1.88 6.97 26.43
CA ILE C 121 -2.39 6.12 27.51
C ILE C 121 -3.39 6.92 28.40
N ASP C 122 -4.35 6.20 29.02
CA ASP C 122 -5.39 6.77 29.89
C ASP C 122 -4.79 7.54 31.08
N HIS C 123 -5.11 8.85 31.15
CA HIS C 123 -4.63 9.77 32.19
C HIS C 123 -5.07 9.41 33.63
N ASN C 124 -6.22 8.70 33.79
CA ASN C 124 -6.74 8.30 35.09
C ASN C 124 -6.16 6.97 35.61
N MET C 125 -5.78 6.95 36.90
CA MET C 125 -5.21 5.77 37.57
C MET C 125 -6.33 4.91 38.18
N CYS C 126 -6.01 3.62 38.43
CA CYS C 126 -6.95 2.70 39.09
C CYS C 126 -6.85 2.99 40.59
N ALA C 127 -7.87 2.60 41.38
CA ALA C 127 -7.91 2.84 42.82
C ALA C 127 -6.66 2.38 43.58
N ALA C 128 -6.05 1.22 43.22
CA ALA C 128 -4.82 0.70 43.84
C ALA C 128 -3.63 1.67 43.72
N ASP C 129 -3.38 2.20 42.49
CA ASP C 129 -2.30 3.16 42.17
C ASP C 129 -2.61 4.57 42.70
N LYS C 130 -3.90 4.98 42.64
CA LYS C 130 -4.42 6.28 43.09
C LYS C 130 -3.98 6.64 44.51
N GLU C 131 -4.01 5.65 45.43
CA GLU C 131 -3.66 5.79 46.86
C GLU C 131 -2.16 6.03 47.04
N VAL C 132 -1.36 5.09 46.51
CA VAL C 132 0.10 5.01 46.56
C VAL C 132 0.81 6.25 45.95
N PHE C 133 0.27 6.80 44.84
CA PHE C 133 0.90 7.94 44.16
C PHE C 133 0.06 9.23 44.14
N SER C 134 0.74 10.35 44.48
CA SER C 134 0.23 11.73 44.55
C SER C 134 -0.55 12.14 43.29
N SER C 135 0.10 12.05 42.10
CA SER C 135 -0.49 12.34 40.79
C SER C 135 -0.04 11.26 39.80
N PHE C 136 -0.69 11.21 38.61
CA PHE C 136 -0.37 10.24 37.55
C PHE C 136 1.12 10.32 37.18
N ALA C 137 1.69 11.54 37.19
CA ALA C 137 3.11 11.81 36.93
C ALA C 137 4.00 11.06 37.96
N HIS C 138 3.65 11.16 39.27
CA HIS C 138 4.36 10.50 40.37
C HIS C 138 4.46 8.97 40.18
N ALA C 139 3.40 8.33 39.60
CA ALA C 139 3.33 6.89 39.32
C ALA C 139 4.34 6.48 38.26
N GLN C 140 4.37 7.23 37.15
CA GLN C 140 5.24 7.04 36.00
C GLN C 140 6.71 7.25 36.40
N VAL C 141 7.03 8.42 37.01
CA VAL C 141 8.37 8.83 37.49
C VAL C 141 8.95 7.79 38.48
N SER C 142 8.10 7.24 39.36
CA SER C 142 8.49 6.22 40.35
C SER C 142 9.01 4.96 39.63
N ILE C 143 8.16 4.32 38.78
CA ILE C 143 8.51 3.10 38.03
C ILE C 143 9.71 3.33 37.07
N THR C 144 9.84 4.55 36.48
CA THR C 144 10.92 4.90 35.57
C THR C 144 12.25 4.89 36.32
N ASN C 145 12.41 5.78 37.33
CA ASN C 145 13.59 5.91 38.20
C ASN C 145 14.00 4.53 38.75
N GLU C 146 13.01 3.71 39.14
CA GLU C 146 13.19 2.36 39.67
C GLU C 146 13.92 1.46 38.68
N ILE C 147 13.40 1.35 37.44
CA ILE C 147 13.97 0.53 36.37
C ILE C 147 15.35 1.06 35.96
N TYR C 148 15.49 2.39 35.86
CA TYR C 148 16.73 3.08 35.49
C TYR C 148 17.89 2.67 36.40
N GLN C 149 17.66 2.80 37.72
CA GLN C 149 18.60 2.42 38.76
C GLN C 149 18.73 0.91 38.76
N TYR C 150 17.59 0.16 38.69
CA TYR C 150 17.64 -1.30 38.64
C TYR C 150 18.64 -1.80 37.57
N LEU C 151 18.63 -1.20 36.35
CA LEU C 151 19.52 -1.59 35.24
C LEU C 151 20.95 -1.04 35.35
N GLY C 152 21.29 -0.52 36.52
CA GLY C 152 22.61 0.04 36.79
C GLY C 152 22.81 1.36 36.10
N GLU C 153 21.85 2.30 36.32
CA GLU C 153 21.80 3.67 35.77
C GLU C 153 22.45 3.78 34.35
N PRO C 154 21.80 3.22 33.28
CA PRO C 154 22.42 3.25 31.95
C PRO C 154 22.57 4.63 31.32
N GLU C 155 23.64 4.76 30.51
CA GLU C 155 24.04 5.96 29.75
C GLU C 155 22.85 6.47 28.92
N THR C 156 22.15 5.55 28.19
CA THR C 156 21.01 5.89 27.36
C THR C 156 19.74 5.27 27.94
N PHE C 157 18.89 6.13 28.52
CA PHE C 157 17.61 5.78 29.10
C PHE C 157 16.64 6.89 28.80
N LEU C 158 15.70 6.61 27.89
CA LEU C 158 14.72 7.61 27.48
C LEU C 158 13.40 7.40 28.19
N PHE C 159 12.62 8.46 28.25
CA PHE C 159 11.33 8.50 28.87
C PHE C 159 10.37 9.31 27.99
N CYS C 160 9.19 8.72 27.66
CA CYS C 160 8.21 9.45 26.85
C CYS C 160 7.04 9.85 27.71
N PRO C 161 6.91 11.15 28.03
CA PRO C 161 5.77 11.59 28.85
C PRO C 161 4.43 11.43 28.12
N THR C 162 3.30 11.47 28.87
CA THR C 162 1.95 11.37 28.28
C THR C 162 1.72 12.71 27.58
N GLU C 163 2.19 13.81 28.21
CA GLU C 163 2.15 15.15 27.67
C GLU C 163 3.50 15.29 26.97
N TYR C 164 3.60 14.67 25.77
CA TYR C 164 4.80 14.61 24.92
C TYR C 164 4.92 15.73 23.86
N CYS C 165 3.92 16.63 23.81
CA CYS C 165 3.87 17.77 22.89
C CYS C 165 3.13 18.96 23.51
N GLY C 166 3.29 20.14 22.91
CA GLY C 166 2.69 21.41 23.34
C GLY C 166 1.17 21.44 23.47
N THR C 167 0.45 20.91 22.45
CA THR C 167 -1.03 20.85 22.43
C THR C 167 -1.60 20.05 23.61
N PHE C 168 -0.94 18.94 23.97
CA PHE C 168 -1.34 18.04 25.05
C PHE C 168 -1.16 18.59 26.47
N CYS C 169 -0.44 19.72 26.63
CA CYS C 169 -0.18 20.32 27.94
C CYS C 169 -1.41 21.08 28.53
N TYR C 170 -1.72 20.72 29.81
CA TYR C 170 -2.82 21.15 30.69
C TYR C 170 -2.19 21.98 31.87
N PRO C 171 -2.35 23.33 31.94
CA PRO C 171 -3.05 24.25 31.02
C PRO C 171 -2.27 24.62 29.75
N ASN C 172 -0.94 24.71 29.88
CA ASN C 172 0.05 24.99 28.83
C ASN C 172 1.39 24.45 29.32
N VAL C 173 2.42 24.37 28.45
CA VAL C 173 3.76 23.84 28.75
C VAL C 173 4.36 24.42 30.05
N SER C 174 4.52 25.76 30.10
CA SER C 174 5.11 26.50 31.23
C SER C 174 4.37 26.31 32.58
N GLN C 175 3.04 26.10 32.55
CA GLN C 175 2.19 25.95 33.74
C GLN C 175 1.69 24.51 34.02
N SER C 176 2.12 23.50 33.20
CA SER C 176 1.72 22.10 33.39
C SER C 176 2.29 21.49 34.68
N PRO C 177 1.43 21.10 35.64
CA PRO C 177 1.94 20.48 36.86
C PRO C 177 2.49 19.07 36.64
N TYR C 178 2.14 18.43 35.49
CA TYR C 178 2.60 17.11 35.09
C TYR C 178 4.10 17.16 34.81
N LEU C 179 4.51 18.04 33.87
CA LEU C 179 5.90 18.26 33.47
C LEU C 179 6.72 18.80 34.64
N ARG C 180 6.11 19.65 35.48
CA ARG C 180 6.74 20.24 36.66
C ARG C 180 7.18 19.11 37.59
N THR C 181 6.33 18.08 37.73
CA THR C 181 6.57 16.91 38.57
C THR C 181 7.74 16.11 37.99
N VAL C 182 7.68 15.79 36.69
CA VAL C 182 8.72 15.02 35.99
C VAL C 182 10.09 15.73 36.08
N GLY C 183 10.12 17.01 35.68
CA GLY C 183 11.32 17.84 35.71
C GLY C 183 12.02 17.90 37.05
N GLU C 184 11.21 17.91 38.15
CA GLU C 184 11.68 17.96 39.54
C GLU C 184 12.08 16.57 40.10
N LYS C 185 11.25 15.52 39.86
CA LYS C 185 11.47 14.19 40.42
C LYS C 185 12.23 13.14 39.55
N LEU C 186 12.20 13.22 38.19
CA LEU C 186 12.91 12.26 37.31
C LEU C 186 14.44 12.46 37.37
N LEU C 187 15.22 11.36 37.55
CA LEU C 187 16.68 11.39 37.63
C LEU C 187 17.34 12.10 36.45
N PRO C 188 18.42 12.89 36.65
CA PRO C 188 19.04 13.60 35.52
C PRO C 188 19.70 12.72 34.43
N GLY C 189 20.02 11.47 34.74
CA GLY C 189 20.62 10.55 33.78
C GLY C 189 19.67 10.08 32.69
N ILE C 190 18.34 10.22 32.95
CA ILE C 190 17.21 9.87 32.09
C ILE C 190 16.92 11.02 31.12
N GLU C 191 16.63 10.71 29.83
CA GLU C 191 16.31 11.71 28.79
C GLU C 191 14.79 11.74 28.53
N VAL C 192 14.23 12.91 28.18
CA VAL C 192 12.79 13.05 27.92
C VAL C 192 12.49 13.28 26.40
N LEU C 193 11.47 12.55 25.87
CA LEU C 193 11.04 12.63 24.48
C LEU C 193 10.00 13.75 24.26
N TRP C 194 10.14 14.51 23.16
CA TRP C 194 9.27 15.64 22.81
C TRP C 194 8.99 15.67 21.30
N THR C 195 7.71 15.85 20.92
CA THR C 195 7.35 15.92 19.49
C THR C 195 7.22 17.38 19.01
N GLY C 196 7.38 18.31 19.95
CA GLY C 196 7.35 19.76 19.73
C GLY C 196 6.02 20.42 20.06
N PRO C 197 5.75 21.62 19.48
CA PRO C 197 4.46 22.28 19.73
C PRO C 197 3.23 21.38 19.51
N LYS C 198 3.34 20.42 18.57
CA LYS C 198 2.28 19.49 18.21
C LYS C 198 2.82 18.08 18.05
N VAL C 199 1.91 17.16 17.66
CA VAL C 199 2.19 15.75 17.40
C VAL C 199 3.00 15.71 16.11
N VAL C 200 2.52 16.39 15.04
CA VAL C 200 3.26 16.47 13.77
C VAL C 200 3.57 17.96 13.65
N SER C 201 4.64 18.43 14.32
CA SER C 201 4.99 19.84 14.33
C SER C 201 5.50 20.34 12.99
N LYS C 202 4.83 21.36 12.42
CA LYS C 202 5.21 21.99 11.14
C LYS C 202 6.58 22.65 11.39
N GLU C 203 6.67 23.34 12.53
CA GLU C 203 7.82 24.07 13.04
C GLU C 203 8.07 23.70 14.49
N ILE C 204 9.34 23.76 14.89
CA ILE C 204 9.78 23.52 16.26
C ILE C 204 10.62 24.77 16.64
N PRO C 205 9.95 25.90 17.03
CA PRO C 205 10.73 27.11 17.38
C PRO C 205 11.65 26.95 18.58
N VAL C 206 12.83 27.61 18.51
CA VAL C 206 13.89 27.62 19.52
C VAL C 206 13.31 28.02 20.90
N GLU C 207 12.49 29.10 20.92
CA GLU C 207 11.81 29.65 22.11
C GLU C 207 10.98 28.56 22.78
N SER C 208 10.22 27.76 21.98
CA SER C 208 9.38 26.67 22.46
C SER C 208 10.23 25.58 23.14
N ILE C 209 11.43 25.33 22.63
CA ILE C 209 12.33 24.33 23.20
C ILE C 209 12.95 24.85 24.52
N GLU C 210 13.11 26.19 24.68
CA GLU C 210 13.65 26.77 25.92
C GLU C 210 12.57 26.69 27.01
N GLU C 211 11.29 26.88 26.60
CA GLU C 211 10.06 26.83 27.39
C GLU C 211 9.99 25.45 28.07
N VAL C 212 9.92 24.39 27.27
CA VAL C 212 9.84 23.01 27.76
C VAL C 212 11.12 22.57 28.52
N SER C 213 12.31 23.05 28.09
CA SER C 213 13.56 22.66 28.74
C SER C 213 13.62 23.09 30.21
N LYS C 214 13.13 24.32 30.49
CA LYS C 214 13.06 24.94 31.81
C LYS C 214 12.18 24.10 32.77
N ILE C 215 11.02 23.61 32.27
CA ILE C 215 10.06 22.81 33.06
C ILE C 215 10.56 21.34 33.27
N ILE C 216 11.16 20.71 32.23
CA ILE C 216 11.69 19.34 32.35
C ILE C 216 13.09 19.35 33.01
N LYS C 217 13.65 20.59 33.22
CA LYS C 217 14.96 20.89 33.83
C LYS C 217 16.13 20.20 33.11
N ARG C 218 15.97 19.98 31.77
CA ARG C 218 16.92 19.32 30.86
C ARG C 218 16.56 19.59 29.40
N ALA C 219 17.50 19.37 28.47
CA ALA C 219 17.22 19.51 27.03
C ALA C 219 16.57 18.18 26.59
N PRO C 220 15.49 18.22 25.79
CA PRO C 220 14.86 16.95 25.39
C PRO C 220 15.49 16.30 24.17
N VAL C 221 15.01 15.08 23.85
CA VAL C 221 15.36 14.29 22.66
C VAL C 221 14.11 14.39 21.82
N ILE C 222 14.22 14.92 20.60
CA ILE C 222 13.06 15.08 19.76
C ILE C 222 12.64 13.79 19.06
N TRP C 223 11.37 13.40 19.27
CA TRP C 223 10.76 12.27 18.58
C TRP C 223 10.15 13.12 17.47
N ASP C 224 10.67 13.06 16.24
CA ASP C 224 10.16 13.90 15.16
C ASP C 224 9.18 13.19 14.24
N ASN C 225 7.91 13.67 14.22
CA ASN C 225 6.89 13.05 13.37
C ASN C 225 6.73 13.72 11.99
N ILE C 226 7.60 14.69 11.65
CA ILE C 226 7.58 15.42 10.37
C ILE C 226 7.26 14.49 9.15
N HIS C 227 7.95 13.34 8.98
CA HIS C 227 7.70 12.45 7.84
C HIS C 227 6.76 11.29 8.12
N ALA C 228 6.20 11.24 9.36
CA ALA C 228 5.26 10.20 9.79
C ALA C 228 4.02 10.19 8.83
N ASN C 229 3.56 8.98 8.42
CA ASN C 229 2.39 8.89 7.52
C ASN C 229 1.40 7.76 7.91
N ASP C 230 1.46 7.27 9.18
CA ASP C 230 0.54 6.24 9.61
C ASP C 230 -0.91 6.80 9.56
N TYR C 231 -1.12 8.07 10.06
CA TYR C 231 -2.39 8.84 10.13
C TYR C 231 -3.06 9.18 8.76
N ASP C 232 -2.34 8.95 7.62
CA ASP C 232 -2.80 9.18 6.22
C ASP C 232 -1.95 8.38 5.24
N GLN C 233 -2.12 7.05 5.20
CA GLN C 233 -1.37 6.17 4.31
C GLN C 233 -1.74 6.36 2.83
N LYS C 234 -2.48 7.48 2.53
CA LYS C 234 -2.92 7.95 1.20
C LYS C 234 -2.03 9.16 0.74
N ARG C 235 -1.04 9.55 1.62
CA ARG C 235 -0.04 10.62 1.47
C ARG C 235 1.36 10.14 1.83
N LEU C 236 2.33 10.38 0.92
CA LEU C 236 3.76 10.05 1.08
C LEU C 236 4.58 11.32 1.26
N PHE C 237 5.58 11.28 2.17
CA PHE C 237 6.43 12.45 2.41
C PHE C 237 7.92 12.26 1.99
N LEU C 238 8.26 12.82 0.79
CA LEU C 238 9.58 12.80 0.20
C LEU C 238 10.27 14.21 0.30
N GLY C 239 9.72 15.06 1.17
CA GLY C 239 10.20 16.40 1.43
C GLY C 239 11.44 16.42 2.31
N PRO C 240 12.17 17.53 2.39
CA PRO C 240 13.36 17.52 3.23
C PRO C 240 13.03 17.86 4.68
N TYR C 241 13.81 17.34 5.65
CA TYR C 241 13.60 17.72 7.05
C TYR C 241 13.55 19.28 7.06
N LYS C 242 12.45 19.88 7.50
CA LYS C 242 12.25 21.32 7.42
C LYS C 242 11.45 21.81 8.60
N GLY C 243 11.72 23.04 9.04
CA GLY C 243 11.02 23.65 10.18
C GLY C 243 11.77 23.57 11.51
N ARG C 244 13.00 22.99 11.49
CA ARG C 244 13.86 22.86 12.67
C ARG C 244 15.16 23.60 12.41
N SER C 245 15.37 24.66 13.21
CA SER C 245 16.56 25.49 13.09
C SER C 245 17.76 24.71 13.57
N THR C 246 18.93 25.00 12.97
CA THR C 246 20.20 24.37 13.35
C THR C 246 20.57 24.87 14.76
N GLU C 247 19.94 25.99 15.16
CA GLU C 247 20.06 26.65 16.46
C GLU C 247 19.54 25.71 17.55
N LEU C 248 18.66 24.76 17.18
CA LEU C 248 18.10 23.79 18.10
C LEU C 248 19.12 22.77 18.57
N ILE C 249 20.06 22.35 17.69
CA ILE C 249 21.08 21.31 17.97
C ILE C 249 21.80 21.53 19.33
N PRO C 250 22.48 22.69 19.63
CA PRO C 250 23.11 22.82 20.96
C PRO C 250 22.11 22.81 22.15
N ARG C 251 20.83 23.10 21.84
CA ARG C 251 19.74 23.14 22.81
C ARG C 251 18.94 21.79 22.94
N LEU C 252 19.44 20.69 22.31
CA LEU C 252 18.79 19.38 22.34
C LEU C 252 19.74 18.27 22.66
N LYS C 253 19.23 17.17 23.22
CA LYS C 253 20.06 16.00 23.53
C LYS C 253 20.03 15.03 22.31
N GLY C 254 19.08 15.23 21.38
CA GLY C 254 18.97 14.41 20.17
C GLY C 254 17.72 14.59 19.34
N VAL C 255 17.68 13.94 18.15
CA VAL C 255 16.55 13.92 17.21
C VAL C 255 16.40 12.53 16.61
N LEU C 256 15.28 11.84 16.89
CA LEU C 256 14.96 10.52 16.35
C LEU C 256 13.72 10.72 15.46
N THR C 257 13.87 10.51 14.15
CA THR C 257 12.78 10.72 13.19
C THR C 257 11.86 9.48 13.05
N ASN C 258 10.52 9.69 13.18
CA ASN C 258 9.51 8.64 13.00
C ASN C 258 9.07 8.87 11.58
N PRO C 259 9.57 8.04 10.64
CA PRO C 259 9.31 8.32 9.23
C PRO C 259 8.05 7.72 8.62
N ASN C 260 8.05 7.57 7.28
CA ASN C 260 6.94 6.97 6.52
C ASN C 260 6.96 5.50 6.84
N CYS C 261 5.82 4.82 6.72
CA CYS C 261 5.66 3.39 6.96
C CYS C 261 6.43 2.59 5.90
N GLU C 262 6.31 3.02 4.66
CA GLU C 262 6.96 2.42 3.50
C GLU C 262 8.44 2.76 3.71
N PHE C 263 9.25 1.74 4.02
CA PHE C 263 10.67 1.86 4.33
C PHE C 263 11.51 2.56 3.25
N GLU C 264 11.40 2.12 1.98
CA GLU C 264 12.16 2.68 0.86
C GLU C 264 11.96 4.17 0.57
N ALA C 265 10.76 4.66 0.93
CA ALA C 265 10.28 6.02 0.80
C ALA C 265 10.87 6.94 1.89
N ASN C 266 11.81 6.42 2.70
CA ASN C 266 12.40 7.19 3.77
C ASN C 266 13.84 7.72 3.53
N TYR C 267 14.44 7.45 2.34
CA TYR C 267 15.78 7.91 1.99
C TYR C 267 15.98 9.42 2.36
N VAL C 268 15.34 10.31 1.58
CA VAL C 268 15.35 11.78 1.69
C VAL C 268 15.06 12.28 3.11
N ALA C 269 14.32 11.52 3.90
CA ALA C 269 14.00 12.00 5.24
C ALA C 269 15.23 11.92 6.13
N ILE C 270 15.83 10.72 6.18
CA ILE C 270 17.01 10.37 6.96
C ILE C 270 18.28 11.08 6.40
N HIS C 271 18.43 11.09 5.04
CA HIS C 271 19.57 11.73 4.41
C HIS C 271 19.57 13.18 4.75
N THR C 272 18.38 13.84 4.67
CA THR C 272 18.30 15.27 4.98
C THR C 272 18.47 15.55 6.49
N LEU C 273 18.05 14.60 7.36
CA LEU C 273 18.22 14.75 8.82
C LEU C 273 19.73 14.82 9.10
N ALA C 274 20.49 13.85 8.52
CA ALA C 274 21.95 13.72 8.60
C ALA C 274 22.60 15.05 8.11
N THR C 275 22.19 15.55 6.93
CA THR C 275 22.70 16.81 6.41
C THR C 275 22.40 17.92 7.44
N TRP C 276 21.16 18.01 7.96
CA TRP C 276 20.80 19.03 8.95
C TRP C 276 21.70 18.95 10.17
N TYR C 277 21.87 17.73 10.72
CA TYR C 277 22.69 17.48 11.90
C TYR C 277 24.15 17.88 11.70
N LYS C 278 24.80 17.30 10.68
CA LYS C 278 26.19 17.54 10.32
C LYS C 278 26.50 19.02 10.02
N SER C 279 25.48 19.82 9.62
CA SER C 279 25.60 21.23 9.29
C SER C 279 25.91 22.09 10.52
N ASN C 280 25.56 21.62 11.72
CA ASN C 280 25.83 22.36 12.94
C ASN C 280 26.11 21.43 14.10
N MET C 281 26.70 20.27 13.77
CA MET C 281 27.09 19.21 14.73
C MET C 281 27.52 19.74 16.10
N ASN C 282 28.34 20.83 16.08
CA ASN C 282 28.99 21.57 17.19
C ASN C 282 28.26 22.87 17.58
N GLY C 283 27.86 22.97 18.85
CA GLY C 283 27.16 24.14 19.37
C GLY C 283 28.00 25.40 19.48
N VAL C 317 22.93 31.14 7.58
CA VAL C 317 22.14 29.92 7.51
C VAL C 317 22.99 28.72 7.06
N LEU C 318 23.05 27.71 7.92
CA LEU C 318 23.84 26.53 7.63
C LEU C 318 23.11 25.50 6.80
N TYR C 319 21.79 25.38 7.00
CA TYR C 319 21.00 24.37 6.31
C TYR C 319 19.88 24.95 5.46
N SER C 320 19.78 24.47 4.21
CA SER C 320 18.72 24.83 3.30
C SER C 320 17.95 23.56 2.96
N PRO C 321 16.68 23.41 3.40
CA PRO C 321 15.89 22.20 3.03
C PRO C 321 15.95 21.92 1.53
N GLN C 322 15.70 22.95 0.71
CA GLN C 322 15.74 22.86 -0.76
C GLN C 322 17.05 22.27 -1.34
N MET C 323 18.19 22.67 -0.74
CA MET C 323 19.53 22.23 -1.09
C MET C 323 19.80 20.81 -0.61
N ALA C 324 19.44 20.49 0.66
CA ALA C 324 19.55 19.15 1.27
C ALA C 324 18.79 18.11 0.42
N LEU C 325 17.61 18.52 -0.12
CA LEU C 325 16.81 17.69 -1.00
C LEU C 325 17.60 17.31 -2.24
N LYS C 326 18.16 18.32 -2.96
CA LYS C 326 18.93 18.04 -4.17
C LYS C 326 20.10 17.09 -3.84
N LEU C 327 20.76 17.34 -2.68
CA LEU C 327 21.84 16.51 -2.21
C LEU C 327 21.41 15.07 -2.19
N ALA C 328 20.35 14.77 -1.38
CA ALA C 328 19.72 13.44 -1.20
C ALA C 328 19.24 12.82 -2.51
N LEU C 329 18.51 13.56 -3.37
CA LEU C 329 18.04 12.98 -4.63
C LEU C 329 19.19 12.55 -5.55
N THR C 330 20.30 13.32 -5.57
CA THR C 330 21.51 13.02 -6.34
C THR C 330 22.09 11.67 -5.85
N GLU C 331 22.10 11.46 -4.51
CA GLU C 331 22.61 10.26 -3.93
C GLU C 331 21.66 9.07 -4.17
N TRP C 332 20.34 9.27 -3.94
CA TRP C 332 19.27 8.29 -4.10
C TRP C 332 19.24 7.71 -5.49
N LEU C 333 19.43 8.57 -6.53
CA LEU C 333 19.41 8.24 -7.96
C LEU C 333 20.23 7.01 -8.31
N GLN C 334 21.31 6.78 -7.57
CA GLN C 334 22.19 5.65 -7.79
C GLN C 334 21.51 4.34 -7.51
N GLU C 335 20.71 4.29 -6.41
CA GLU C 335 19.96 3.12 -5.94
C GLU C 335 18.97 2.55 -6.97
N PHE C 336 18.39 3.40 -7.82
CA PHE C 336 17.39 3.01 -8.82
C PHE C 336 17.92 2.07 -9.91
N GLY C 337 19.24 2.06 -10.17
CA GLY C 337 19.89 1.19 -11.15
C GLY C 337 20.05 -0.25 -10.68
N MET D 1 13.27 -4.33 -43.09
CA MET D 1 13.66 -3.71 -41.84
C MET D 1 12.90 -4.32 -40.65
N GLU D 2 13.65 -4.71 -39.60
CA GLU D 2 13.15 -5.34 -38.39
C GLU D 2 12.62 -4.35 -37.33
N LYS D 3 11.70 -4.84 -36.46
CA LYS D 3 11.09 -4.09 -35.37
C LYS D 3 12.14 -3.67 -34.34
N PRO D 4 12.19 -2.36 -33.96
CA PRO D 4 13.18 -1.91 -32.97
C PRO D 4 13.01 -2.57 -31.59
N LEU D 5 14.15 -2.89 -30.95
CA LEU D 5 14.24 -3.51 -29.61
C LEU D 5 13.65 -2.59 -28.53
N TYR D 6 13.37 -3.15 -27.34
CA TYR D 6 12.85 -2.38 -26.22
C TYR D 6 14.01 -2.04 -25.31
N THR D 7 14.33 -0.74 -25.20
CA THR D 7 15.43 -0.24 -24.37
C THR D 7 14.92 0.87 -23.44
N ALA D 8 14.64 0.51 -22.16
CA ALA D 8 14.12 1.41 -21.13
C ALA D 8 15.08 2.55 -20.77
N GLU D 9 14.56 3.79 -20.77
CA GLU D 9 15.34 4.98 -20.39
C GLU D 9 15.43 4.97 -18.86
N PRO D 10 16.58 5.36 -18.25
CA PRO D 10 16.66 5.28 -16.80
C PRO D 10 16.06 6.50 -16.10
N VAL D 11 15.84 6.35 -14.79
CA VAL D 11 15.33 7.39 -13.92
C VAL D 11 16.41 8.50 -13.94
N THR D 12 15.97 9.75 -14.17
CA THR D 12 16.80 10.94 -14.20
C THR D 12 16.69 11.65 -12.85
N LEU D 13 17.59 12.62 -12.56
CA LEU D 13 17.57 13.42 -11.35
C LEU D 13 16.32 14.31 -11.39
N GLU D 14 15.91 14.72 -12.60
CA GLU D 14 14.75 15.57 -12.84
C GLU D 14 13.46 14.85 -12.48
N ASP D 15 13.44 13.53 -12.67
CA ASP D 15 12.28 12.69 -12.32
C ASP D 15 12.15 12.67 -10.80
N LEU D 16 13.28 12.45 -10.10
CA LEU D 16 13.24 12.40 -8.66
C LEU D 16 12.88 13.74 -8.06
N GLN D 17 13.29 14.83 -8.74
CA GLN D 17 13.01 16.20 -8.34
C GLN D 17 11.53 16.46 -8.42
N LEU D 18 10.91 15.94 -9.49
CA LEU D 18 9.47 16.07 -9.69
C LEU D 18 8.75 15.21 -8.63
N LEU D 19 9.21 13.96 -8.48
CA LEU D 19 8.65 13.02 -7.51
C LEU D 19 8.61 13.63 -6.11
N ALA D 20 9.76 14.14 -5.61
CA ALA D 20 9.84 14.75 -4.27
C ALA D 20 8.91 15.93 -4.09
N ASP D 21 8.72 16.72 -5.17
CA ASP D 21 7.88 17.90 -5.20
C ASP D 21 6.40 17.55 -5.24
N LEU D 22 6.04 16.36 -5.79
CA LEU D 22 4.65 15.91 -5.84
C LEU D 22 4.18 15.27 -4.51
N PHE D 23 5.14 14.75 -3.72
CA PHE D 23 4.98 14.04 -2.44
C PHE D 23 5.94 14.73 -1.52
N TYR D 24 5.55 15.88 -1.01
CA TYR D 24 6.45 16.67 -0.22
C TYR D 24 6.37 16.49 1.26
N LEU D 25 5.64 17.39 1.94
CA LEU D 25 5.52 17.43 3.40
C LEU D 25 4.05 17.49 3.93
N PRO D 26 3.83 17.24 5.25
CA PRO D 26 2.45 17.24 5.78
C PRO D 26 1.66 18.53 5.62
N TYR D 27 2.33 19.68 5.73
CA TYR D 27 1.69 20.99 5.66
C TYR D 27 2.13 21.86 4.48
N GLU D 28 2.81 21.26 3.48
CA GLU D 28 3.34 22.00 2.35
C GLU D 28 3.48 21.17 1.10
N HIS D 29 3.28 21.84 -0.03
CA HIS D 29 3.43 21.26 -1.34
C HIS D 29 4.82 21.56 -1.82
N GLY D 30 5.27 20.78 -2.79
CA GLY D 30 6.59 20.98 -3.36
C GLY D 30 6.51 22.09 -4.39
N PRO D 31 7.53 22.99 -4.44
CA PRO D 31 7.52 24.08 -5.45
C PRO D 31 6.79 23.76 -6.78
N LYS D 32 7.22 22.70 -7.53
CA LYS D 32 6.62 22.25 -8.79
C LYS D 32 5.13 21.98 -8.63
N GLY D 33 4.77 21.14 -7.66
CA GLY D 33 3.40 20.77 -7.37
C GLY D 33 2.44 21.94 -7.20
N ALA D 34 2.81 22.88 -6.31
CA ALA D 34 2.07 24.11 -6.00
C ALA D 34 1.92 24.97 -7.29
N GLN D 35 3.01 25.05 -8.11
CA GLN D 35 3.07 25.74 -9.39
C GLN D 35 2.05 25.12 -10.38
N MET D 36 2.01 23.77 -10.45
CA MET D 36 1.09 23.03 -11.31
C MET D 36 -0.34 23.21 -10.84
N LEU D 37 -0.50 23.48 -9.56
CA LEU D 37 -1.81 23.68 -8.99
C LEU D 37 -2.27 25.09 -9.33
N ARG D 38 -1.35 26.09 -9.28
CA ARG D 38 -1.64 27.49 -9.62
C ARG D 38 -1.95 27.62 -11.11
N GLU D 39 -1.16 26.91 -11.96
CA GLU D 39 -1.33 26.90 -13.41
C GLU D 39 -2.68 26.32 -13.83
N PHE D 40 -3.15 25.25 -13.16
CA PHE D 40 -4.42 24.64 -13.51
C PHE D 40 -5.58 25.54 -13.20
N GLN D 41 -5.56 26.17 -12.02
CA GLN D 41 -6.60 27.07 -11.54
C GLN D 41 -6.79 28.30 -12.48
N TRP D 42 -5.67 28.81 -13.06
CA TRP D 42 -5.64 29.94 -13.99
C TRP D 42 -6.22 29.53 -15.34
N LEU D 43 -5.74 28.40 -15.89
CA LEU D 43 -6.19 27.85 -17.17
C LEU D 43 -7.67 27.52 -17.14
N ARG D 44 -8.20 27.12 -15.97
CA ARG D 44 -9.60 26.79 -15.80
C ARG D 44 -10.44 28.08 -15.80
N ALA D 45 -9.89 29.17 -15.21
CA ALA D 45 -10.54 30.50 -15.12
C ALA D 45 -10.77 31.19 -16.49
N ASN D 46 -10.19 30.64 -17.58
CA ASN D 46 -10.27 31.21 -18.93
C ASN D 46 -10.80 30.24 -20.01
N SER D 47 -11.47 30.81 -21.06
CA SER D 47 -12.07 30.13 -22.22
C SER D 47 -12.72 31.13 -23.19
N ILE D 62 -6.91 35.73 -25.45
CA ILE D 62 -5.49 36.00 -25.62
C ILE D 62 -4.77 34.78 -26.19
N GLU D 63 -3.49 34.98 -26.57
CA GLU D 63 -2.59 33.96 -27.12
C GLU D 63 -1.75 33.35 -25.98
N GLU D 64 -1.71 34.03 -24.80
CA GLU D 64 -0.97 33.61 -23.61
C GLU D 64 -1.55 32.32 -23.00
N TRP D 65 -2.78 31.95 -23.38
CA TRP D 65 -3.42 30.73 -22.91
C TRP D 65 -2.91 29.50 -23.67
N ARG D 66 -2.82 29.58 -25.02
CA ARG D 66 -2.36 28.49 -25.89
C ARG D 66 -0.92 28.04 -25.59
N SER D 67 -0.12 28.94 -24.98
CA SER D 67 1.28 28.71 -24.59
C SER D 67 1.36 28.15 -23.17
N ARG D 68 0.53 28.68 -22.25
CA ARG D 68 0.48 28.24 -20.85
C ARG D 68 -0.13 26.85 -20.75
N ALA D 69 -1.13 26.54 -21.62
CA ALA D 69 -1.76 25.21 -21.68
C ALA D 69 -0.78 24.19 -22.28
N ALA D 70 0.12 24.68 -23.17
CA ALA D 70 1.16 23.87 -23.83
C ALA D 70 2.21 23.45 -22.80
N LYS D 71 2.67 24.42 -21.98
CA LYS D 71 3.66 24.23 -20.93
C LYS D 71 3.14 23.30 -19.82
N PHE D 72 1.83 23.41 -19.49
CA PHE D 72 1.17 22.59 -18.48
C PHE D 72 1.01 21.14 -18.95
N GLU D 73 0.53 20.91 -20.19
CA GLU D 73 0.35 19.56 -20.75
C GLU D 73 1.69 18.85 -20.91
N GLU D 74 2.75 19.62 -21.16
CA GLU D 74 4.13 19.15 -21.30
C GLU D 74 4.58 18.66 -19.92
N MET D 75 4.22 19.42 -18.85
CA MET D 75 4.52 19.14 -17.45
C MET D 75 3.77 17.97 -16.94
N CYS D 76 2.60 17.70 -17.52
CA CYS D 76 1.78 16.53 -17.18
C CYS D 76 2.47 15.34 -17.85
N GLY D 77 3.07 15.61 -19.01
CA GLY D 77 3.84 14.64 -19.78
C GLY D 77 4.95 14.11 -18.91
N LEU D 78 5.77 15.03 -18.35
CA LEU D 78 6.89 14.75 -17.43
C LEU D 78 6.49 13.80 -16.27
N VAL D 79 5.28 13.98 -15.70
CA VAL D 79 4.73 13.18 -14.61
C VAL D 79 4.50 11.75 -15.10
N MET D 80 4.02 11.61 -16.35
CA MET D 80 3.81 10.30 -16.99
C MET D 80 5.19 9.70 -17.31
N GLY D 81 6.09 10.57 -17.79
CA GLY D 81 7.47 10.25 -18.12
C GLY D 81 8.15 9.62 -16.94
N MET D 82 8.10 10.33 -15.78
CA MET D 82 8.65 9.93 -14.49
C MET D 82 8.06 8.61 -14.07
N PHE D 83 6.74 8.40 -14.28
CA PHE D 83 6.11 7.13 -13.92
C PHE D 83 6.65 5.97 -14.76
N THR D 84 6.70 6.19 -16.09
CA THR D 84 7.18 5.23 -17.07
C THR D 84 8.61 4.79 -16.69
N ARG D 85 9.50 5.77 -16.45
CA ARG D 85 10.90 5.50 -16.10
C ARG D 85 11.07 4.81 -14.76
N LEU D 86 10.24 5.17 -13.77
CA LEU D 86 10.30 4.58 -12.44
C LEU D 86 9.91 3.13 -12.49
N SER D 87 8.90 2.81 -13.32
CA SER D 87 8.36 1.47 -13.46
C SER D 87 9.24 0.49 -14.20
N ASN D 88 10.19 1.00 -15.01
CA ASN D 88 11.11 0.18 -15.80
C ASN D 88 12.50 0.08 -15.16
N CYS D 89 12.71 0.78 -14.05
CA CYS D 89 13.99 0.75 -13.36
C CYS D 89 14.31 -0.63 -12.83
N ALA D 90 15.60 -0.92 -12.59
CA ALA D 90 16.10 -2.19 -12.10
C ALA D 90 15.68 -2.45 -10.67
N ASN D 91 15.72 -1.42 -9.80
CA ASN D 91 15.31 -1.53 -8.40
C ASN D 91 13.76 -1.61 -8.24
N ARG D 92 13.26 -2.84 -8.21
CA ARG D 92 11.85 -3.18 -8.01
C ARG D 92 11.42 -2.76 -6.60
N THR D 93 12.24 -3.12 -5.57
CA THR D 93 12.01 -2.81 -4.16
C THR D 93 11.52 -1.38 -3.91
N ILE D 94 12.28 -0.34 -4.37
CA ILE D 94 11.96 1.09 -4.19
C ILE D 94 10.64 1.41 -4.83
N LEU D 95 10.48 0.94 -6.06
CA LEU D 95 9.27 1.12 -6.87
C LEU D 95 8.03 0.67 -6.11
N TYR D 96 7.99 -0.60 -5.67
CA TYR D 96 6.84 -1.18 -5.00
C TYR D 96 6.48 -0.56 -3.69
N ASP D 97 7.44 0.03 -2.95
CA ASP D 97 7.15 0.68 -1.67
C ASP D 97 6.36 1.98 -1.94
N MET D 98 6.42 2.49 -3.17
CA MET D 98 5.74 3.73 -3.50
C MET D 98 4.65 3.62 -4.53
N TYR D 99 4.83 2.67 -5.48
CA TYR D 99 3.98 2.34 -6.64
C TYR D 99 2.55 2.91 -6.59
N SER D 100 1.75 2.60 -5.53
CA SER D 100 0.38 3.10 -5.44
C SER D 100 0.34 4.61 -5.67
N TYR D 101 0.90 5.38 -4.72
CA TYR D 101 1.03 6.84 -4.69
C TYR D 101 1.43 7.42 -6.04
N VAL D 102 2.50 6.87 -6.62
CA VAL D 102 3.05 7.33 -7.88
C VAL D 102 2.13 7.00 -9.05
N TRP D 103 1.49 5.83 -8.99
CA TRP D 103 0.59 5.43 -10.05
C TRP D 103 -0.64 6.37 -10.07
N ASP D 104 -1.23 6.63 -8.88
CA ASP D 104 -2.39 7.52 -8.70
C ASP D 104 -2.21 8.93 -9.26
N ILE D 105 -1.12 9.61 -8.89
CA ILE D 105 -0.85 10.97 -9.37
C ILE D 105 -0.68 11.02 -10.90
N LYS D 106 -0.09 9.97 -11.50
CA LYS D 106 0.09 9.86 -12.94
C LYS D 106 -1.29 9.78 -13.61
N SER D 107 -2.24 9.00 -13.02
CA SER D 107 -3.61 8.82 -13.53
C SER D 107 -4.36 10.16 -13.55
N ILE D 108 -4.43 10.81 -12.36
CA ILE D 108 -5.06 12.11 -12.12
C ILE D 108 -4.42 13.12 -13.06
N MET D 109 -3.09 13.06 -13.23
CA MET D 109 -2.39 13.96 -14.14
C MET D 109 -2.76 13.73 -15.62
N SER D 110 -3.07 12.47 -16.00
CA SER D 110 -3.44 12.08 -17.37
C SER D 110 -4.81 12.62 -17.70
N MET D 111 -5.74 12.60 -16.71
CA MET D 111 -7.10 13.12 -16.81
C MET D 111 -7.04 14.65 -16.92
N VAL D 112 -6.23 15.30 -16.06
CA VAL D 112 -6.03 16.73 -16.02
C VAL D 112 -5.39 17.22 -17.35
N LYS D 113 -4.47 16.44 -17.95
CA LYS D 113 -3.80 16.78 -19.23
C LYS D 113 -4.84 16.87 -20.37
N SER D 114 -5.74 15.86 -20.47
CA SER D 114 -6.81 15.77 -21.47
C SER D 114 -7.80 16.92 -21.29
N PHE D 115 -8.15 17.23 -20.03
CA PHE D 115 -9.05 18.31 -19.70
C PHE D 115 -8.58 19.64 -20.23
N VAL D 116 -7.28 19.99 -20.06
CA VAL D 116 -6.75 21.27 -20.55
C VAL D 116 -6.58 21.25 -22.12
N GLN D 117 -6.59 20.05 -22.75
CA GLN D 117 -6.51 19.93 -24.23
C GLN D 117 -7.90 20.33 -24.75
N TRP D 118 -8.94 19.71 -24.15
CA TRP D 118 -10.36 19.92 -24.45
C TRP D 118 -10.81 21.37 -24.16
N LEU D 119 -10.21 22.04 -23.15
CA LEU D 119 -10.51 23.44 -22.80
C LEU D 119 -10.09 24.36 -23.94
N GLY D 120 -9.29 23.83 -24.88
CA GLY D 120 -8.80 24.51 -26.07
C GLY D 120 -9.52 24.06 -27.32
N CYS D 121 -10.75 23.53 -27.16
CA CYS D 121 -11.61 23.03 -28.25
C CYS D 121 -13.11 23.26 -27.95
N ARG D 140 -14.13 7.48 -8.92
CA ARG D 140 -12.71 7.49 -8.55
C ARG D 140 -12.53 7.70 -7.04
N GLY D 141 -11.40 7.20 -6.50
CA GLY D 141 -10.99 7.29 -5.10
C GLY D 141 -11.91 6.60 -4.10
N GLY D 142 -12.95 5.94 -4.62
CA GLY D 142 -13.93 5.20 -3.84
C GLY D 142 -14.79 6.05 -2.93
N LEU D 143 -15.31 5.38 -1.87
CA LEU D 143 -16.20 5.94 -0.86
C LEU D 143 -15.58 6.99 -0.01
N ALA D 144 -14.33 6.78 0.48
CA ALA D 144 -13.66 7.81 1.30
C ALA D 144 -13.57 9.10 0.48
N GLY D 145 -13.17 8.98 -0.80
CA GLY D 145 -13.07 10.09 -1.74
C GLY D 145 -14.36 10.89 -1.83
N GLU D 146 -15.49 10.18 -2.00
CA GLU D 146 -16.82 10.76 -2.09
C GLU D 146 -17.21 11.60 -0.88
N PHE D 147 -17.09 11.05 0.33
CA PHE D 147 -17.40 11.79 1.56
C PHE D 147 -16.52 13.06 1.62
N GLN D 148 -15.21 12.93 1.31
CA GLN D 148 -14.25 14.04 1.29
C GLN D 148 -14.64 15.17 0.32
N ARG D 149 -15.40 14.85 -0.76
CA ARG D 149 -15.89 15.82 -1.76
C ARG D 149 -17.01 16.71 -1.18
N LEU D 150 -17.80 16.17 -0.23
CA LEU D 150 -18.93 16.87 0.39
C LEU D 150 -18.56 17.66 1.65
N LEU D 151 -17.29 17.63 2.05
CA LEU D 151 -16.81 18.38 3.20
C LEU D 151 -16.25 19.74 2.72
N PRO D 152 -16.37 20.83 3.52
CA PRO D 152 -15.83 22.14 3.08
C PRO D 152 -14.38 22.10 2.55
C1 GOL E . -4.45 -8.03 -19.65
O1 GOL E . -4.08 -9.07 -20.54
C2 GOL E . -5.66 -7.27 -20.13
O2 GOL E . -6.60 -7.11 -19.07
C3 GOL E . -6.32 -8.01 -21.27
O3 GOL E . -7.02 -9.13 -20.77
C1 GOL F . -5.04 -5.62 -16.82
O1 GOL F . -3.74 -6.23 -16.97
C2 GOL F . -5.16 -4.93 -15.48
O2 GOL F . -4.71 -5.82 -14.45
C3 GOL F . -6.60 -4.52 -15.24
O3 GOL F . -6.75 -3.11 -15.29
C1 GOL G . 3.94 8.14 18.09
O1 GOL G . 3.11 7.02 18.46
C2 GOL G . 3.88 9.28 19.08
O2 GOL G . 4.37 10.46 18.45
C3 GOL G . 4.73 9.00 20.30
O3 GOL G . 5.21 10.22 20.83
#